data_9CCR
#
_entry.id   9CCR
#
_cell.length_a   73.769
_cell.length_b   90.055
_cell.length_c   95.718
_cell.angle_alpha   90.000
_cell.angle_beta   90.000
_cell.angle_gamma   90.000
#
_symmetry.space_group_name_H-M   'P 21 21 21'
#
loop_
_entity.id
_entity.type
_entity.pdbx_description
1 polymer Thioesterase
2 non-polymer 'POTASSIUM ION'
3 non-polymer DODECYL-COA
4 water water
#
_entity_poly.entity_id   1
_entity_poly.type   'polypeptide(L)'
_entity_poly.pdbx_seq_one_letter_code
;MGSSHHHHHHSSGLVPRGSHMRAYMRAYFEYRHLVTFADTNLVGNVYFTNYLSWQGACAERFLAEKAPKTVARMHDDLAL
VTSSCSCEFFSELYALDTVSVRMSLVGIDFHQITMGFEYYRVTDGPARLVARGEQTVACTLRAEDGLTPVEVPDELRTAL
DAYAPDPHGALRPRSETPPR
;
_entity_poly.pdbx_strand_id   A,B,C,D
#
loop_
_chem_comp.id
_chem_comp.type
_chem_comp.name
_chem_comp.formula
DCC non-polymer DODECYL-COA 'C33 H58 N7 O17 P3 S'
K non-polymer 'POTASSIUM ION' 'K 1'
#
# COMPACT_ATOMS: atom_id res chain seq x y z
N ALA A 27 3.66 -15.65 -27.08
CA ALA A 27 3.88 -14.21 -27.03
C ALA A 27 3.39 -13.67 -25.70
N TYR A 28 4.18 -12.79 -25.08
CA TYR A 28 3.77 -12.19 -23.82
C TYR A 28 4.24 -10.75 -23.79
N PHE A 29 3.54 -9.95 -22.98
CA PHE A 29 3.95 -8.59 -22.69
C PHE A 29 4.60 -8.58 -21.31
N GLU A 30 5.79 -7.99 -21.21
CA GLU A 30 6.60 -8.11 -19.99
C GLU A 30 6.65 -6.80 -19.22
N TYR A 31 6.48 -6.91 -17.89
CA TYR A 31 6.64 -5.85 -16.90
C TYR A 31 7.70 -6.34 -15.91
N ARG A 32 8.68 -5.51 -15.60
CA ARG A 32 9.69 -5.88 -14.62
C ARG A 32 9.63 -4.93 -13.45
N HIS A 33 9.92 -5.46 -12.26
CA HIS A 33 9.81 -4.69 -11.02
C HIS A 33 10.89 -5.14 -10.05
N LEU A 34 11.65 -4.16 -9.54
CA LEU A 34 12.53 -4.43 -8.41
C LEU A 34 11.68 -4.50 -7.15
N VAL A 35 11.72 -5.64 -6.48
CA VAL A 35 10.91 -5.85 -5.29
C VAL A 35 11.42 -4.92 -4.19
N THR A 36 10.52 -4.14 -3.59
CA THR A 36 10.85 -3.07 -2.64
C THR A 36 10.72 -3.60 -1.21
N PHE A 37 11.23 -2.82 -0.23
CA PHE A 37 10.98 -3.21 1.16
C PHE A 37 9.49 -3.15 1.48
N ALA A 38 8.78 -2.17 0.92
CA ALA A 38 7.37 -1.99 1.16
C ALA A 38 6.58 -3.20 0.69
N ASP A 39 7.09 -3.90 -0.34
CA ASP A 39 6.45 -5.09 -0.89
C ASP A 39 6.47 -6.26 0.09
N THR A 40 7.39 -6.24 1.06
CA THR A 40 7.57 -7.37 1.94
C THR A 40 6.69 -7.24 3.17
N ASN A 41 6.62 -8.35 3.92
CA ASN A 41 5.98 -8.37 5.22
C ASN A 41 6.89 -9.09 6.21
N LEU A 42 6.45 -9.19 7.46
CA LEU A 42 7.29 -9.70 8.53
C LEU A 42 7.76 -11.14 8.30
N VAL A 43 7.01 -11.96 7.55
CA VAL A 43 7.51 -13.29 7.19
C VAL A 43 8.80 -13.20 6.38
N GLY A 44 9.08 -12.07 5.76
CA GLY A 44 10.29 -11.89 4.99
C GLY A 44 10.13 -12.00 3.48
N ASN A 45 8.93 -12.29 3.00
CA ASN A 45 8.68 -12.46 1.59
C ASN A 45 7.71 -11.38 1.14
N VAL A 46 7.37 -11.40 -0.14
CA VAL A 46 6.46 -10.40 -0.71
C VAL A 46 5.03 -10.72 -0.30
N TYR A 47 4.37 -9.76 0.34
CA TYR A 47 2.97 -9.91 0.72
C TYR A 47 2.11 -10.20 -0.50
N PHE A 48 1.16 -11.13 -0.32
CA PHE A 48 0.53 -11.76 -1.49
C PHE A 48 -0.20 -10.76 -2.37
N THR A 49 -0.79 -9.70 -1.81
CA THR A 49 -1.57 -8.80 -2.67
C THR A 49 -0.71 -8.05 -3.68
N ASN A 50 0.60 -7.91 -3.45
CA ASN A 50 1.42 -7.15 -4.39
C ASN A 50 1.52 -7.86 -5.73
N TYR A 51 1.41 -9.19 -5.74
CA TYR A 51 1.41 -9.92 -7.01
C TYR A 51 0.20 -9.55 -7.86
N LEU A 52 -0.93 -9.29 -7.20
N LEU A 52 -0.93 -9.27 -7.21
CA LEU A 52 -2.12 -8.82 -7.90
CA LEU A 52 -2.11 -8.81 -7.92
C LEU A 52 -1.94 -7.38 -8.36
C LEU A 52 -1.95 -7.37 -8.36
N SER A 53 -1.39 -6.51 -7.50
CA SER A 53 -1.07 -5.15 -7.92
C SER A 53 -0.26 -5.13 -9.21
N TRP A 54 0.73 -6.01 -9.32
CA TRP A 54 1.58 -6.01 -10.51
C TRP A 54 0.80 -6.39 -11.77
N GLN A 55 -0.31 -7.10 -11.63
CA GLN A 55 -1.15 -7.36 -12.78
C GLN A 55 -1.65 -6.05 -13.38
N GLY A 56 -2.15 -5.16 -12.52
CA GLY A 56 -2.57 -3.85 -12.99
C GLY A 56 -1.43 -3.03 -13.56
N ALA A 57 -0.29 -3.00 -12.86
CA ALA A 57 0.84 -2.23 -13.38
C ALA A 57 1.28 -2.76 -14.73
N CYS A 58 1.20 -4.07 -14.91
CA CYS A 58 1.63 -4.66 -16.18
C CYS A 58 0.65 -4.28 -17.27
N ALA A 59 -0.64 -4.44 -16.99
CA ALA A 59 -1.67 -4.15 -17.99
C ALA A 59 -1.66 -2.67 -18.37
N GLU A 60 -1.38 -1.79 -17.42
N GLU A 60 -1.42 -1.78 -17.40
CA GLU A 60 -1.33 -0.37 -17.73
CA GLU A 60 -1.30 -0.36 -17.68
C GLU A 60 -0.14 -0.04 -18.62
C GLU A 60 -0.17 -0.09 -18.66
N ARG A 61 1.00 -0.66 -18.38
CA ARG A 61 2.13 -0.50 -19.28
C ARG A 61 1.76 -0.97 -20.68
N PHE A 62 0.98 -2.06 -20.76
CA PHE A 62 0.55 -2.55 -22.06
C PHE A 62 -0.35 -1.55 -22.76
N LEU A 63 -1.31 -0.98 -22.03
CA LEU A 63 -2.23 -0.02 -22.63
C LEU A 63 -1.48 1.20 -23.13
N ALA A 64 -0.59 1.74 -22.30
CA ALA A 64 0.14 2.93 -22.70
C ALA A 64 0.87 2.71 -24.01
N GLU A 65 1.53 1.57 -24.15
CA GLU A 65 2.34 1.33 -25.34
C GLU A 65 1.52 0.87 -26.53
N LYS A 66 0.42 0.12 -26.32
CA LYS A 66 -0.23 -0.59 -27.41
C LYS A 66 -1.64 -0.11 -27.73
N ALA A 67 -2.27 0.69 -26.88
CA ALA A 67 -3.68 1.07 -27.08
C ALA A 67 -3.88 2.54 -26.72
N PRO A 68 -3.22 3.46 -27.46
CA PRO A 68 -3.36 4.89 -27.13
C PRO A 68 -4.76 5.43 -27.28
N LYS A 69 -5.51 5.01 -28.32
CA LYS A 69 -6.87 5.50 -28.46
C LYS A 69 -7.69 5.12 -27.24
N THR A 70 -7.53 3.88 -26.78
CA THR A 70 -8.26 3.41 -25.61
C THR A 70 -7.82 4.15 -24.35
N VAL A 71 -6.50 4.35 -24.19
CA VAL A 71 -6.01 5.14 -23.07
C VAL A 71 -6.57 6.55 -23.12
N ALA A 72 -6.69 7.12 -24.33
CA ALA A 72 -7.28 8.44 -24.45
C ALA A 72 -8.71 8.43 -23.94
N ARG A 73 -9.51 7.42 -24.34
CA ARG A 73 -10.87 7.36 -23.84
C ARG A 73 -10.90 7.14 -22.32
N MET A 74 -9.88 6.48 -21.77
CA MET A 74 -9.81 6.31 -20.33
C MET A 74 -9.49 7.60 -19.60
N HIS A 75 -9.06 8.65 -20.31
CA HIS A 75 -8.97 9.97 -19.69
C HIS A 75 -10.34 10.59 -19.55
N ASP A 76 -11.29 10.18 -20.38
CA ASP A 76 -12.64 10.73 -20.38
C ASP A 76 -13.57 9.87 -19.52
N ASP A 77 -14.26 8.91 -20.14
CA ASP A 77 -15.30 8.16 -19.46
C ASP A 77 -15.13 6.64 -19.51
N LEU A 78 -14.07 6.12 -20.11
CA LEU A 78 -13.91 4.68 -20.23
C LEU A 78 -13.19 4.15 -18.99
N ALA A 79 -13.84 3.24 -18.27
CA ALA A 79 -13.25 2.62 -17.07
C ALA A 79 -13.20 1.12 -17.27
N LEU A 80 -11.99 0.57 -17.23
CA LEU A 80 -11.79 -0.88 -17.26
C LEU A 80 -11.77 -1.38 -15.82
N VAL A 81 -12.79 -2.16 -15.45
CA VAL A 81 -13.00 -2.57 -14.05
C VAL A 81 -12.79 -4.07 -13.91
N THR A 82 -12.15 -4.45 -12.81
CA THR A 82 -11.87 -5.84 -12.57
C THR A 82 -13.14 -6.56 -12.15
N SER A 83 -13.46 -7.64 -12.84
CA SER A 83 -14.59 -8.48 -12.46
C SER A 83 -14.16 -9.73 -11.68
N SER A 84 -12.93 -10.20 -11.85
CA SER A 84 -12.40 -11.28 -11.02
C SER A 84 -10.89 -11.33 -11.14
N CYS A 85 -10.24 -11.91 -10.14
CA CYS A 85 -8.81 -12.16 -10.24
C CYS A 85 -8.45 -13.41 -9.43
N SER A 86 -7.25 -13.93 -9.69
CA SER A 86 -6.75 -15.07 -8.94
C SER A 86 -5.24 -15.11 -9.06
N CYS A 87 -4.63 -15.82 -8.12
CA CYS A 87 -3.17 -15.99 -8.16
C CYS A 87 -2.79 -17.22 -7.35
N GLU A 88 -1.78 -17.94 -7.83
CA GLU A 88 -1.19 -19.11 -7.18
C GLU A 88 0.28 -18.82 -6.91
N PHE A 89 0.74 -19.14 -5.68
CA PHE A 89 2.05 -18.71 -5.19
C PHE A 89 2.89 -19.96 -4.96
N PHE A 90 3.89 -20.20 -5.83
CA PHE A 90 4.67 -21.43 -5.80
C PHE A 90 5.98 -21.32 -5.01
N SER A 91 6.63 -20.15 -5.01
CA SER A 91 7.91 -19.94 -4.34
C SER A 91 7.97 -18.49 -3.93
N GLU A 92 8.74 -18.20 -2.88
CA GLU A 92 8.81 -16.85 -2.33
C GLU A 92 9.60 -15.90 -3.21
N LEU A 93 9.18 -14.63 -3.20
CA LEU A 93 10.03 -13.50 -3.60
C LEU A 93 10.45 -12.69 -2.38
N TYR A 94 11.60 -12.05 -2.51
CA TYR A 94 12.27 -11.32 -1.44
C TYR A 94 12.60 -9.91 -1.93
N ALA A 95 12.71 -8.99 -0.97
CA ALA A 95 13.23 -7.65 -1.30
C ALA A 95 14.50 -7.72 -2.13
N LEU A 96 14.58 -6.85 -3.15
CA LEU A 96 15.72 -6.71 -4.05
C LEU A 96 15.84 -7.85 -5.09
N ASP A 97 14.94 -8.83 -5.06
CA ASP A 97 14.69 -9.63 -6.25
C ASP A 97 14.14 -8.75 -7.36
N THR A 98 14.36 -9.16 -8.60
CA THR A 98 13.63 -8.60 -9.73
C THR A 98 12.64 -9.64 -10.25
N VAL A 99 11.37 -9.22 -10.39
CA VAL A 99 10.30 -10.09 -10.88
C VAL A 99 9.96 -9.64 -12.29
N SER A 100 9.81 -10.61 -13.18
CA SER A 100 9.36 -10.41 -14.54
C SER A 100 7.91 -10.91 -14.58
N VAL A 101 6.98 -10.00 -14.84
CA VAL A 101 5.55 -10.32 -14.91
C VAL A 101 5.19 -10.40 -16.39
N ARG A 102 4.70 -11.56 -16.83
CA ARG A 102 4.52 -11.84 -18.24
C ARG A 102 3.04 -12.05 -18.48
N MET A 103 2.45 -11.19 -19.31
CA MET A 103 1.00 -11.16 -19.54
C MET A 103 0.69 -11.72 -20.92
N SER A 104 -0.30 -12.63 -20.97
CA SER A 104 -0.83 -13.16 -22.21
C SER A 104 -2.35 -13.09 -22.17
N LEU A 105 -2.97 -13.27 -23.33
CA LEU A 105 -4.43 -13.26 -23.42
C LEU A 105 -4.95 -14.68 -23.19
N VAL A 106 -5.85 -14.83 -22.22
CA VAL A 106 -6.49 -16.11 -21.97
C VAL A 106 -7.83 -16.22 -22.68
N GLY A 107 -8.58 -15.14 -22.70
CA GLY A 107 -9.87 -15.17 -23.38
C GLY A 107 -10.42 -13.79 -23.57
N ILE A 108 -11.33 -13.67 -24.53
CA ILE A 108 -11.96 -12.39 -24.80
C ILE A 108 -13.32 -12.64 -25.43
N ASP A 109 -14.31 -11.86 -25.02
CA ASP A 109 -15.59 -11.84 -25.75
C ASP A 109 -15.93 -10.39 -26.06
N PHE A 110 -17.21 -10.12 -26.27
CA PHE A 110 -17.60 -8.78 -26.69
C PHE A 110 -17.47 -7.76 -25.58
N HIS A 111 -17.53 -8.18 -24.32
CA HIS A 111 -17.51 -7.27 -23.19
C HIS A 111 -16.32 -7.42 -22.23
N GLN A 112 -15.72 -8.60 -22.13
CA GLN A 112 -14.72 -8.85 -21.08
C GLN A 112 -13.45 -9.45 -21.66
N ILE A 113 -12.38 -9.29 -20.89
CA ILE A 113 -11.04 -9.69 -21.27
C ILE A 113 -10.44 -10.42 -20.09
N THR A 114 -9.90 -11.60 -20.34
CA THR A 114 -9.20 -12.35 -19.31
C THR A 114 -7.73 -12.43 -19.70
N MET A 115 -6.86 -11.90 -18.83
N MET A 115 -6.88 -11.88 -18.83
CA MET A 115 -5.42 -11.91 -19.04
CA MET A 115 -5.44 -11.89 -18.97
C MET A 115 -4.78 -12.91 -18.08
C MET A 115 -4.84 -12.99 -18.08
N GLY A 116 -3.81 -13.67 -18.58
CA GLY A 116 -3.02 -14.57 -17.76
C GLY A 116 -1.67 -13.92 -17.45
N PHE A 117 -1.14 -14.23 -16.27
CA PHE A 117 0.13 -13.72 -15.78
C PHE A 117 1.01 -14.85 -15.30
N GLU A 118 2.25 -14.88 -15.76
CA GLU A 118 3.30 -15.72 -15.17
C GLU A 118 4.32 -14.81 -14.51
N TYR A 119 4.75 -15.18 -13.31
CA TYR A 119 5.71 -14.38 -12.55
C TYR A 119 7.03 -15.14 -12.44
N TYR A 120 8.13 -14.52 -12.90
CA TYR A 120 9.45 -15.14 -12.89
C TYR A 120 10.40 -14.33 -12.02
N ARG A 121 11.14 -15.02 -11.17
CA ARG A 121 12.35 -14.41 -10.61
C ARG A 121 13.43 -14.41 -11.67
N VAL A 122 13.96 -13.23 -11.99
CA VAL A 122 14.96 -13.12 -13.05
C VAL A 122 16.29 -12.72 -12.42
N THR A 123 17.35 -13.34 -12.94
CA THR A 123 18.73 -13.10 -12.55
C THR A 123 19.59 -13.37 -13.77
N ASP A 124 20.91 -13.37 -13.59
CA ASP A 124 21.80 -13.79 -14.66
C ASP A 124 21.71 -15.29 -14.94
N GLY A 125 20.93 -16.03 -14.14
CA GLY A 125 20.68 -17.43 -14.41
C GLY A 125 19.33 -17.60 -15.05
N PRO A 126 18.86 -18.84 -15.12
CA PRO A 126 17.58 -19.09 -15.79
C PRO A 126 16.43 -18.51 -14.98
N ALA A 127 15.45 -17.99 -15.69
CA ALA A 127 14.26 -17.46 -15.05
C ALA A 127 13.50 -18.59 -14.38
N ARG A 128 13.02 -18.34 -13.16
CA ARG A 128 12.31 -19.34 -12.36
C ARG A 128 10.88 -18.91 -12.12
N LEU A 129 9.92 -19.77 -12.46
CA LEU A 129 8.50 -19.44 -12.27
C LEU A 129 8.17 -19.50 -10.78
N VAL A 130 7.67 -18.40 -10.20
CA VAL A 130 7.33 -18.36 -8.79
C VAL A 130 5.84 -18.23 -8.52
N ALA A 131 5.03 -17.83 -9.49
CA ALA A 131 3.60 -17.58 -9.31
C ALA A 131 2.94 -17.54 -10.68
N ARG A 132 1.62 -17.74 -10.70
CA ARG A 132 0.82 -17.58 -11.91
C ARG A 132 -0.56 -17.11 -11.46
N GLY A 133 -1.18 -16.27 -12.29
CA GLY A 133 -2.45 -15.68 -11.93
C GLY A 133 -3.24 -15.28 -13.16
N GLU A 134 -4.44 -14.75 -12.91
CA GLU A 134 -5.35 -14.32 -13.96
C GLU A 134 -6.14 -13.13 -13.45
N GLN A 135 -6.63 -12.32 -14.39
CA GLN A 135 -7.56 -11.26 -14.07
C GLN A 135 -8.48 -11.09 -15.26
N THR A 136 -9.77 -10.91 -14.97
CA THR A 136 -10.75 -10.53 -15.96
C THR A 136 -11.22 -9.09 -15.71
N VAL A 137 -11.23 -8.28 -16.76
CA VAL A 137 -11.72 -6.91 -16.73
C VAL A 137 -12.91 -6.75 -17.65
N ALA A 138 -13.86 -5.92 -17.21
CA ALA A 138 -15.00 -5.51 -18.01
C ALA A 138 -14.81 -4.06 -18.45
N CYS A 139 -15.33 -3.74 -19.62
CA CYS A 139 -15.24 -2.39 -20.17
C CYS A 139 -16.52 -1.64 -19.84
N THR A 140 -16.39 -0.43 -19.30
CA THR A 140 -17.55 0.35 -18.89
C THR A 140 -17.32 1.83 -19.13
N LEU A 141 -18.43 2.55 -19.19
CA LEU A 141 -18.44 4.00 -19.20
C LEU A 141 -19.04 4.47 -17.89
N ARG A 142 -18.41 5.44 -17.25
CA ARG A 142 -18.90 5.96 -15.98
C ARG A 142 -20.19 6.74 -16.17
N LEU A 147 -21.57 2.61 -13.35
CA LEU A 147 -20.89 2.15 -14.57
C LEU A 147 -21.90 1.56 -15.55
N THR A 148 -21.65 1.77 -16.84
CA THR A 148 -22.48 1.19 -17.90
C THR A 148 -21.60 0.27 -18.75
N PRO A 149 -21.93 -1.01 -18.89
CA PRO A 149 -21.07 -1.89 -19.70
C PRO A 149 -21.06 -1.46 -21.16
N VAL A 150 -19.91 -1.66 -21.82
CA VAL A 150 -19.76 -1.41 -23.24
C VAL A 150 -18.84 -2.47 -23.82
N GLU A 151 -18.84 -2.58 -25.15
CA GLU A 151 -18.05 -3.62 -25.80
C GLU A 151 -16.56 -3.27 -25.83
N VAL A 152 -15.75 -4.31 -25.99
CA VAL A 152 -14.30 -4.08 -26.00
C VAL A 152 -13.94 -3.18 -27.17
N PRO A 153 -13.25 -2.07 -26.97
CA PRO A 153 -12.84 -1.25 -28.11
C PRO A 153 -12.01 -2.05 -29.12
N ASP A 154 -12.21 -1.75 -30.40
CA ASP A 154 -11.52 -2.48 -31.46
C ASP A 154 -10.01 -2.39 -31.31
N GLU A 155 -9.50 -1.18 -31.07
CA GLU A 155 -8.06 -1.02 -30.91
C GLU A 155 -7.54 -1.95 -29.82
N LEU A 156 -8.33 -2.12 -28.76
CA LEU A 156 -7.89 -2.95 -27.66
C LEU A 156 -7.92 -4.43 -28.03
N ARG A 157 -8.96 -4.86 -28.76
CA ARG A 157 -9.03 -6.25 -29.19
C ARG A 157 -7.87 -6.58 -30.12
N THR A 158 -7.65 -5.74 -31.12
CA THR A 158 -6.51 -5.91 -32.00
C THR A 158 -5.21 -6.03 -31.21
N ALA A 159 -5.00 -5.12 -30.26
CA ALA A 159 -3.71 -5.09 -29.56
C ALA A 159 -3.50 -6.34 -28.73
N LEU A 160 -4.58 -6.88 -28.15
CA LEU A 160 -4.46 -8.05 -27.28
C LEU A 160 -4.20 -9.32 -28.08
N ASP A 161 -4.74 -9.42 -29.29
CA ASP A 161 -4.56 -10.64 -30.08
C ASP A 161 -3.10 -10.91 -30.40
N ALA A 162 -2.25 -9.89 -30.33
CA ALA A 162 -0.82 -10.12 -30.48
C ALA A 162 -0.28 -11.07 -29.41
N TYR A 163 -0.99 -11.22 -28.30
CA TYR A 163 -0.56 -12.05 -27.18
C TYR A 163 -1.51 -13.21 -26.92
N ALA A 164 -2.29 -13.61 -27.93
CA ALA A 164 -3.18 -14.75 -27.88
C ALA A 164 -2.43 -16.04 -28.23
N PRO A 165 -2.93 -17.19 -27.76
CA PRO A 165 -2.28 -18.47 -28.07
C PRO A 165 -2.62 -18.96 -29.48
N ALA B 27 24.25 16.77 -8.52
CA ALA B 27 24.02 15.41 -8.97
C ALA B 27 23.01 14.74 -8.02
N TYR B 28 22.11 13.97 -8.60
CA TYR B 28 21.10 13.29 -7.83
C TYR B 28 21.07 11.84 -8.27
N PHE B 29 20.56 11.00 -7.39
CA PHE B 29 20.24 9.62 -7.74
C PHE B 29 18.76 9.54 -8.14
N GLU B 30 18.50 9.00 -9.34
CA GLU B 30 17.16 9.02 -9.91
C GLU B 30 16.44 7.67 -9.80
N TYR B 31 15.17 7.75 -9.42
CA TYR B 31 14.18 6.67 -9.45
C TYR B 31 13.05 7.17 -10.33
N ARG B 32 12.70 6.40 -11.37
CA ARG B 32 11.62 6.78 -12.26
C ARG B 32 10.46 5.81 -12.12
N HIS B 33 9.23 6.31 -12.20
CA HIS B 33 8.06 5.46 -11.92
C HIS B 33 6.90 5.87 -12.81
N LEU B 34 6.32 4.90 -13.51
CA LEU B 34 5.07 5.15 -14.22
C LEU B 34 3.95 5.06 -13.18
N VAL B 35 3.17 6.15 -13.06
CA VAL B 35 2.11 6.18 -12.06
C VAL B 35 1.00 5.21 -12.48
N THR B 36 0.61 4.35 -11.56
CA THR B 36 -0.37 3.31 -11.79
C THR B 36 -1.77 3.78 -11.41
N PHE B 37 -2.78 2.95 -11.76
CA PHE B 37 -4.13 3.23 -11.26
C PHE B 37 -4.19 3.01 -9.76
N ALA B 38 -3.47 2.00 -9.27
CA ALA B 38 -3.40 1.75 -7.83
C ALA B 38 -2.86 2.96 -7.07
N ASP B 39 -1.93 3.70 -7.66
CA ASP B 39 -1.38 4.89 -7.02
C ASP B 39 -2.43 5.99 -6.81
N THR B 40 -3.53 5.96 -7.55
CA THR B 40 -4.47 7.07 -7.53
C THR B 40 -5.52 6.85 -6.45
N ASN B 41 -6.31 7.91 -6.21
CA ASN B 41 -7.47 7.85 -5.32
C ASN B 41 -8.66 8.56 -6.00
N LEU B 42 -9.78 8.59 -5.30
CA LEU B 42 -11.03 9.11 -5.86
C LEU B 42 -10.89 10.55 -6.33
N VAL B 43 -9.96 11.33 -5.77
CA VAL B 43 -9.82 12.72 -6.18
C VAL B 43 -9.25 12.83 -7.58
N GLY B 44 -8.71 11.73 -8.09
CA GLY B 44 -8.19 11.63 -9.42
C GLY B 44 -6.69 11.79 -9.51
N ASN B 45 -6.02 12.04 -8.38
CA ASN B 45 -4.59 12.25 -8.38
C ASN B 45 -3.95 11.13 -7.56
N VAL B 46 -2.61 11.21 -7.41
CA VAL B 46 -1.86 10.21 -6.66
C VAL B 46 -2.06 10.44 -5.17
N TYR B 47 -2.50 9.40 -4.48
CA TYR B 47 -2.68 9.46 -3.04
C TYR B 47 -1.36 9.79 -2.34
N PHE B 48 -1.42 10.67 -1.34
CA PHE B 48 -0.22 11.36 -0.87
C PHE B 48 0.82 10.38 -0.33
N THR B 49 0.41 9.25 0.26
CA THR B 49 1.44 8.39 0.84
C THR B 49 2.33 7.76 -0.20
N ASN B 50 1.88 7.63 -1.45
CA ASN B 50 2.73 7.03 -2.46
C ASN B 50 3.99 7.85 -2.70
N TYR B 51 3.93 9.17 -2.47
CA TYR B 51 5.13 9.96 -2.65
C TYR B 51 6.17 9.55 -1.63
N LEU B 52 5.71 9.20 -0.42
CA LEU B 52 6.64 8.71 0.58
C LEU B 52 7.15 7.31 0.23
N SER B 53 6.25 6.41 -0.22
CA SER B 53 6.71 5.08 -0.64
C SER B 53 7.83 5.19 -1.68
N TRP B 54 7.73 6.17 -2.60
CA TRP B 54 8.79 6.29 -3.62
C TRP B 54 10.14 6.68 -3.00
N GLN B 55 10.13 7.35 -1.86
CA GLN B 55 11.39 7.60 -1.15
C GLN B 55 12.08 6.29 -0.82
N GLY B 56 11.31 5.34 -0.26
CA GLY B 56 11.86 4.03 0.04
C GLY B 56 12.32 3.30 -1.20
N ALA B 57 11.49 3.31 -2.25
CA ALA B 57 11.88 2.59 -3.47
C ALA B 57 13.14 3.19 -4.07
N CYS B 58 13.26 4.50 -4.01
CA CYS B 58 14.43 5.18 -4.56
C CYS B 58 15.67 4.81 -3.78
N ALA B 59 15.57 4.91 -2.45
CA ALA B 59 16.71 4.63 -1.58
C ALA B 59 17.11 3.17 -1.70
N GLU B 60 16.13 2.29 -1.84
N GLU B 60 16.13 2.27 -1.82
CA GLU B 60 16.42 0.86 -2.03
CA GLU B 60 16.40 0.85 -2.03
C GLU B 60 17.14 0.61 -3.34
C GLU B 60 17.16 0.63 -3.32
N ARG B 61 16.69 1.23 -4.43
CA ARG B 61 17.39 1.06 -5.70
C ARG B 61 18.82 1.56 -5.56
N PHE B 62 19.02 2.65 -4.82
CA PHE B 62 20.37 3.13 -4.57
C PHE B 62 21.19 2.06 -3.84
N LEU B 63 20.64 1.47 -2.78
CA LEU B 63 21.37 0.41 -2.09
C LEU B 63 21.71 -0.73 -3.03
N ALA B 64 20.74 -1.12 -3.87
CA ALA B 64 20.94 -2.26 -4.78
C ALA B 64 22.05 -1.98 -5.78
N GLU B 65 22.19 -0.72 -6.18
CA GLU B 65 23.22 -0.37 -7.15
C GLU B 65 24.55 0.00 -6.53
N LYS B 66 24.57 0.55 -5.31
CA LYS B 66 25.76 1.24 -4.82
C LYS B 66 26.35 0.74 -3.49
N ALA B 67 25.67 -0.13 -2.75
CA ALA B 67 26.10 -0.49 -1.40
C ALA B 67 25.90 -1.98 -1.17
N PRO B 68 26.61 -2.82 -1.93
CA PRO B 68 26.43 -4.28 -1.78
C PRO B 68 26.83 -4.81 -0.41
N LYS B 69 27.89 -4.27 0.20
CA LYS B 69 28.27 -4.78 1.51
C LYS B 69 27.22 -4.43 2.54
N THR B 70 26.67 -3.22 2.43
CA THR B 70 25.59 -2.81 3.33
C THR B 70 24.38 -3.72 3.15
N VAL B 71 24.00 -4.01 1.89
CA VAL B 71 22.89 -4.93 1.65
C VAL B 71 23.16 -6.30 2.26
N ALA B 72 24.38 -6.81 2.12
CA ALA B 72 24.71 -8.10 2.69
C ALA B 72 24.58 -8.10 4.22
N ARG B 73 25.04 -7.03 4.86
CA ARG B 73 24.90 -6.94 6.31
C ARG B 73 23.44 -6.75 6.72
N MET B 74 22.63 -6.14 5.87
CA MET B 74 21.20 -6.08 6.19
C MET B 74 20.55 -7.46 6.21
N HIS B 75 21.13 -8.45 5.51
CA HIS B 75 20.66 -9.83 5.60
C HIS B 75 21.08 -10.49 6.89
N ASP B 76 21.99 -9.87 7.64
CA ASP B 76 22.49 -10.39 8.90
C ASP B 76 21.69 -9.80 10.06
N ASP B 77 22.04 -8.56 10.45
CA ASP B 77 21.37 -7.91 11.56
C ASP B 77 21.21 -6.41 11.38
N LEU B 78 21.68 -5.84 10.29
CA LEU B 78 21.65 -4.40 10.11
C LEU B 78 20.27 -3.98 9.63
N ALA B 79 19.66 -3.02 10.30
CA ALA B 79 18.33 -2.53 9.94
C ALA B 79 18.41 -1.03 9.81
N LEU B 80 18.03 -0.51 8.66
CA LEU B 80 17.93 0.92 8.42
C LEU B 80 16.46 1.29 8.59
N VAL B 81 16.16 2.10 9.60
CA VAL B 81 14.78 2.37 9.96
C VAL B 81 14.54 3.87 9.87
N THR B 82 13.37 4.24 9.34
CA THR B 82 12.97 5.64 9.24
C THR B 82 12.81 6.23 10.64
N SER B 83 13.49 7.35 10.92
CA SER B 83 13.25 8.09 12.15
C SER B 83 12.41 9.35 11.92
N SER B 84 12.39 9.89 10.70
CA SER B 84 11.43 10.95 10.37
C SER B 84 11.27 11.01 8.87
N CYS B 85 10.15 11.59 8.42
CA CYS B 85 9.98 11.84 6.99
C CYS B 85 9.01 12.99 6.81
N SER B 86 9.03 13.59 5.61
CA SER B 86 8.13 14.69 5.34
C SER B 86 7.99 14.82 3.83
N CYS B 87 6.93 15.49 3.40
CA CYS B 87 6.76 15.78 1.99
C CYS B 87 5.79 16.94 1.86
N GLU B 88 6.03 17.76 0.86
N GLU B 88 6.04 17.77 0.88
CA GLU B 88 5.16 18.87 0.49
CA GLU B 88 5.17 18.87 0.47
C GLU B 88 4.76 18.69 -0.97
C GLU B 88 4.75 18.62 -0.96
N PHE B 89 3.49 18.93 -1.26
CA PHE B 89 2.83 18.57 -2.52
C PHE B 89 2.42 19.84 -3.25
N PHE B 90 3.12 20.17 -4.34
CA PHE B 90 2.93 21.45 -5.04
C PHE B 90 1.93 21.38 -6.17
N SER B 91 1.91 20.28 -6.91
CA SER B 91 0.93 20.09 -7.97
C SER B 91 0.69 18.59 -8.15
N GLU B 92 -0.45 18.28 -8.75
CA GLU B 92 -0.90 16.89 -8.77
C GLU B 92 -0.11 16.05 -9.78
N LEU B 93 -0.07 14.75 -9.50
CA LEU B 93 0.25 13.71 -10.45
C LEU B 93 -0.98 12.85 -10.71
N TYR B 94 -1.06 12.28 -11.91
CA TYR B 94 -2.21 11.49 -12.35
C TYR B 94 -1.75 10.14 -12.87
N ALA B 95 -2.70 9.22 -13.01
CA ALA B 95 -2.36 7.93 -13.60
C ALA B 95 -1.74 8.15 -14.96
N LEU B 96 -0.72 7.36 -15.27
CA LEU B 96 -0.02 7.30 -16.54
C LEU B 96 0.98 8.45 -16.68
N ASP B 97 1.10 9.33 -15.67
CA ASP B 97 2.25 10.21 -15.57
C ASP B 97 3.50 9.39 -15.29
N THR B 98 4.65 9.95 -15.66
CA THR B 98 5.92 9.40 -15.21
C THR B 98 6.54 10.40 -14.27
N VAL B 99 6.94 9.95 -13.10
CA VAL B 99 7.55 10.80 -12.09
C VAL B 99 9.04 10.47 -11.98
N SER B 100 9.88 11.51 -11.91
CA SER B 100 11.31 11.38 -11.67
C SER B 100 11.55 11.80 -10.22
N VAL B 101 11.96 10.85 -9.39
CA VAL B 101 12.25 11.09 -7.98
C VAL B 101 13.77 11.21 -7.82
N ARG B 102 14.22 12.37 -7.35
CA ARG B 102 15.63 12.72 -7.37
C ARG B 102 16.14 12.86 -5.94
N MET B 103 17.07 11.99 -5.57
CA MET B 103 17.55 11.89 -4.21
C MET B 103 18.94 12.51 -4.10
N SER B 104 19.13 13.30 -3.06
CA SER B 104 20.44 13.84 -2.78
C SER B 104 20.69 13.73 -1.28
N LEU B 105 21.94 13.82 -0.90
CA LEU B 105 22.31 13.70 0.49
C LEU B 105 22.20 15.07 1.15
N VAL B 106 21.41 15.16 2.23
CA VAL B 106 21.35 16.39 3.02
C VAL B 106 22.38 16.37 4.13
N GLY B 107 22.53 15.27 4.86
CA GLY B 107 23.64 15.19 5.80
C GLY B 107 23.70 13.84 6.45
N ILE B 108 24.82 13.58 7.13
CA ILE B 108 25.01 12.37 7.92
C ILE B 108 25.51 12.78 9.28
N ASP B 109 24.96 12.17 10.32
CA ASP B 109 25.29 12.49 11.71
C ASP B 109 25.36 11.19 12.51
N PHE B 110 26.59 10.70 12.68
CA PHE B 110 26.96 9.50 13.43
C PHE B 110 26.22 8.27 12.94
N HIS B 111 24.96 8.11 13.34
CA HIS B 111 24.18 6.94 12.97
C HIS B 111 23.01 7.25 12.05
N GLN B 112 22.82 8.51 11.66
CA GLN B 112 21.64 8.90 10.90
C GLN B 112 22.03 9.56 9.59
N ILE B 113 21.24 9.24 8.58
CA ILE B 113 21.39 9.73 7.23
C ILE B 113 20.14 10.51 6.92
N THR B 114 20.29 11.72 6.39
CA THR B 114 19.12 12.49 5.94
C THR B 114 19.23 12.67 4.44
N MET B 115 18.19 12.24 3.72
N MET B 115 18.23 12.18 3.74
CA MET B 115 18.13 12.28 2.28
CA MET B 115 18.12 12.29 2.30
C MET B 115 17.02 13.21 1.82
C MET B 115 17.08 13.35 1.94
N GLY B 116 17.33 14.06 0.84
CA GLY B 116 16.38 15.01 0.28
C GLY B 116 15.84 14.45 -1.02
N PHE B 117 14.56 14.73 -1.30
CA PHE B 117 13.90 14.24 -2.50
C PHE B 117 13.21 15.40 -3.19
N GLU B 118 13.39 15.50 -4.50
CA GLU B 118 12.57 16.37 -5.34
C GLU B 118 11.85 15.49 -6.36
N TYR B 119 10.59 15.82 -6.65
CA TYR B 119 9.74 15.01 -7.49
C TYR B 119 9.39 15.84 -8.71
N TYR B 120 9.64 15.31 -9.90
CA TYR B 120 9.37 15.97 -11.15
C TYR B 120 8.43 15.16 -12.03
N ARG B 121 7.41 15.82 -12.59
CA ARG B 121 6.71 15.23 -13.71
C ARG B 121 7.62 15.28 -14.93
N VAL B 122 7.85 14.12 -15.54
CA VAL B 122 8.65 14.04 -16.75
C VAL B 122 7.89 13.39 -17.90
N THR B 123 6.60 13.16 -17.72
CA THR B 123 5.73 12.54 -18.72
C THR B 123 5.99 13.01 -20.14
N ASP B 124 5.98 14.32 -20.34
CA ASP B 124 6.00 14.90 -21.68
C ASP B 124 7.28 15.69 -21.94
N GLY B 125 8.37 15.26 -21.34
CA GLY B 125 9.67 15.77 -21.69
C GLY B 125 10.27 16.65 -20.62
N PRO B 126 10.02 17.95 -20.68
CA PRO B 126 10.68 18.88 -19.75
C PRO B 126 10.17 18.71 -18.33
N ALA B 127 11.10 18.53 -17.40
CA ALA B 127 10.76 18.25 -16.02
C ALA B 127 10.06 19.43 -15.36
N ARG B 128 8.99 19.14 -14.61
CA ARG B 128 8.24 20.14 -13.86
C ARG B 128 8.16 19.71 -12.39
N LEU B 129 8.56 20.61 -11.49
CA LEU B 129 8.56 20.26 -10.06
C LEU B 129 7.14 20.09 -9.55
N VAL B 130 6.85 18.95 -8.92
CA VAL B 130 5.52 18.74 -8.35
C VAL B 130 5.54 18.50 -6.84
N ALA B 131 6.68 18.16 -6.24
CA ALA B 131 6.74 17.90 -4.80
C ALA B 131 8.19 17.87 -4.35
N ARG B 132 8.36 17.97 -3.04
CA ARG B 132 9.65 17.98 -2.37
C ARG B 132 9.49 17.33 -1.01
N GLY B 133 10.43 16.48 -0.62
CA GLY B 133 10.40 15.89 0.70
C GLY B 133 11.76 15.51 1.24
N GLU B 134 11.76 14.80 2.35
CA GLU B 134 12.98 14.48 3.08
C GLU B 134 12.71 13.24 3.92
N GLN B 135 13.77 12.47 4.18
CA GLN B 135 13.64 11.33 5.08
C GLN B 135 14.95 11.14 5.81
N THR B 136 14.87 10.91 7.12
CA THR B 136 16.02 10.51 7.94
C THR B 136 15.90 9.05 8.32
N VAL B 137 16.98 8.31 8.11
CA VAL B 137 17.09 6.89 8.44
C VAL B 137 18.15 6.70 9.50
N ALA B 138 17.87 5.86 10.49
CA ALA B 138 18.85 5.46 11.50
C ALA B 138 19.38 4.08 11.16
N CYS B 139 20.71 3.94 11.22
CA CYS B 139 21.37 2.65 11.09
C CYS B 139 21.37 1.96 12.46
N THR B 140 20.86 0.73 12.51
CA THR B 140 20.70 0.05 13.79
C THR B 140 21.07 -1.41 13.64
N LEU B 141 21.44 -2.00 14.76
CA LEU B 141 21.57 -3.43 14.86
C LEU B 141 20.43 -3.97 15.70
N ARG B 142 19.82 -5.03 15.21
CA ARG B 142 18.72 -5.67 15.91
C ARG B 142 19.31 -6.58 16.99
N ALA B 143 18.95 -6.28 18.24
CA ALA B 143 19.27 -7.13 19.39
C ALA B 143 17.98 -7.70 19.96
N GLU B 144 18.11 -8.77 20.74
CA GLU B 144 16.93 -9.36 21.37
C GLU B 144 16.13 -8.30 22.11
N ASP B 145 16.79 -7.23 22.57
CA ASP B 145 16.17 -6.19 23.38
C ASP B 145 15.75 -4.96 22.57
N GLY B 146 15.88 -4.98 21.24
CA GLY B 146 15.42 -3.89 20.40
C GLY B 146 16.51 -3.45 19.43
N LEU B 147 16.30 -2.27 18.85
CA LEU B 147 17.25 -1.69 17.91
C LEU B 147 18.30 -0.86 18.65
N THR B 148 19.56 -1.04 18.29
CA THR B 148 20.65 -0.23 18.82
C THR B 148 21.30 0.58 17.70
N PRO B 149 21.37 1.91 17.79
CA PRO B 149 22.03 2.68 16.74
C PRO B 149 23.47 2.25 16.56
N VAL B 150 23.93 2.31 15.30
CA VAL B 150 25.29 1.93 14.96
C VAL B 150 25.81 2.92 13.92
N GLU B 151 27.14 3.06 13.87
CA GLU B 151 27.72 4.02 12.92
C GLU B 151 27.31 3.68 11.49
N VAL B 152 27.10 4.72 10.68
CA VAL B 152 26.82 4.52 9.26
C VAL B 152 28.00 3.78 8.62
N PRO B 153 27.78 2.68 7.89
CA PRO B 153 28.90 1.99 7.26
C PRO B 153 29.67 2.93 6.33
N ASP B 154 31.00 2.80 6.33
CA ASP B 154 31.84 3.56 5.39
C ASP B 154 31.38 3.41 3.95
N GLU B 155 31.04 2.18 3.51
CA GLU B 155 30.60 2.01 2.12
C GLU B 155 29.42 2.91 1.79
N LEU B 156 28.47 2.99 2.69
CA LEU B 156 27.28 3.79 2.49
C LEU B 156 27.61 5.28 2.53
N ARG B 157 28.43 5.69 3.49
CA ARG B 157 28.86 7.08 3.58
C ARG B 157 29.53 7.53 2.28
N THR B 158 30.43 6.71 1.75
CA THR B 158 31.15 7.05 0.53
C THR B 158 30.20 7.09 -0.66
N ALA B 159 29.32 6.11 -0.76
CA ALA B 159 28.35 6.06 -1.84
C ALA B 159 27.45 7.29 -1.84
N LEU B 160 26.92 7.66 -0.66
CA LEU B 160 26.02 8.81 -0.58
C LEU B 160 26.75 10.13 -0.86
N ASP B 161 28.04 10.22 -0.55
CA ASP B 161 28.81 11.44 -0.78
C ASP B 161 28.85 11.83 -2.26
N ALA B 162 28.68 10.86 -3.17
CA ALA B 162 28.55 11.19 -4.59
C ALA B 162 27.37 12.08 -4.88
N TYR B 163 26.41 12.17 -3.96
CA TYR B 163 25.18 12.95 -4.17
C TYR B 163 25.04 14.05 -3.14
N ALA B 164 26.15 14.49 -2.57
CA ALA B 164 26.14 15.60 -1.64
C ALA B 164 26.37 16.92 -2.40
N PRO B 165 25.67 17.98 -2.06
CA PRO B 165 25.92 19.26 -2.74
C PRO B 165 27.28 19.82 -2.36
N ASP B 166 27.80 20.68 -3.23
CA ASP B 166 29.05 21.37 -2.94
C ASP B 166 28.91 22.22 -1.67
N PRO B 167 30.00 22.43 -0.94
CA PRO B 167 29.93 23.29 0.25
C PRO B 167 29.27 24.61 -0.06
N HIS B 168 28.48 25.12 0.90
CA HIS B 168 27.71 26.36 0.72
C HIS B 168 27.60 27.02 2.10
N GLY B 169 28.58 27.85 2.43
CA GLY B 169 28.72 28.41 3.77
C GLY B 169 28.30 29.86 3.84
N ALA B 170 27.70 30.23 4.97
CA ALA B 170 27.26 31.61 5.15
C ALA B 170 28.45 32.55 5.06
N LEU B 171 28.24 33.66 4.36
CA LEU B 171 29.20 34.76 4.38
C LEU B 171 28.79 35.60 5.58
N ARG B 172 29.44 35.37 6.71
CA ARG B 172 29.10 36.06 7.96
C ARG B 172 30.35 36.12 8.83
N PRO B 173 31.01 37.27 8.90
CA PRO B 173 32.22 37.34 9.72
C PRO B 173 31.87 37.29 11.21
N ARG B 174 32.60 36.44 11.94
CA ARG B 174 32.52 36.39 13.39
C ARG B 174 33.87 36.70 13.99
N ALA C 27 -8.22 17.04 24.23
CA ALA C 27 -9.16 17.04 23.11
C ALA C 27 -8.51 16.48 21.86
N TYR C 28 -8.93 15.28 21.49
CA TYR C 28 -8.48 14.65 20.27
C TYR C 28 -9.61 13.80 19.69
N PHE C 29 -9.49 13.53 18.40
CA PHE C 29 -10.32 12.56 17.70
C PHE C 29 -9.49 11.30 17.51
N GLU C 30 -10.05 10.14 17.89
CA GLU C 30 -9.24 8.93 17.96
C GLU C 30 -9.66 7.91 16.91
N TYR C 31 -8.64 7.24 16.35
CA TYR C 31 -8.78 6.12 15.42
C TYR C 31 -7.93 4.98 15.97
N ARG C 32 -8.53 3.81 16.17
CA ARG C 32 -7.80 2.65 16.65
C ARG C 32 -7.64 1.64 15.52
N HIS C 33 -6.47 0.99 15.49
CA HIS C 33 -6.13 0.10 14.39
C HIS C 33 -5.32 -1.07 14.93
N LEU C 34 -5.80 -2.30 14.62
CA LEU C 34 -5.02 -3.49 14.85
C LEU C 34 -4.02 -3.63 13.71
N VAL C 35 -2.73 -3.64 14.04
CA VAL C 35 -1.69 -3.71 13.04
C VAL C 35 -1.74 -5.07 12.36
N THR C 36 -1.80 -5.07 11.03
CA THR C 36 -1.99 -6.26 10.21
C THR C 36 -0.63 -6.78 9.76
N PHE C 37 -0.61 -8.01 9.22
CA PHE C 37 0.62 -8.48 8.58
C PHE C 37 1.00 -7.60 7.40
N ALA C 38 -0.02 -7.12 6.66
CA ALA C 38 0.26 -6.25 5.52
C ALA C 38 1.00 -4.97 5.92
N ASP C 39 0.71 -4.44 7.12
CA ASP C 39 1.34 -3.23 7.62
C ASP C 39 2.85 -3.40 7.82
N THR C 40 3.30 -4.62 8.01
CA THR C 40 4.68 -4.90 8.38
C THR C 40 5.55 -4.99 7.13
N ASN C 41 6.87 -4.97 7.34
CA ASN C 41 7.86 -5.23 6.30
C ASN C 41 8.89 -6.22 6.84
N LEU C 42 9.87 -6.57 5.99
CA LEU C 42 10.85 -7.59 6.34
C LEU C 42 11.63 -7.28 7.61
N VAL C 43 11.74 -6.02 8.03
CA VAL C 43 12.44 -5.73 9.28
C VAL C 43 11.63 -6.27 10.47
N GLY C 44 10.32 -6.45 10.30
CA GLY C 44 9.43 -6.97 11.32
C GLY C 44 8.59 -5.90 12.00
N ASN C 45 8.77 -4.65 11.63
CA ASN C 45 8.01 -3.54 12.16
C ASN C 45 7.07 -3.02 11.09
N VAL C 46 6.30 -2.00 11.45
CA VAL C 46 5.34 -1.39 10.56
C VAL C 46 6.08 -0.47 9.59
N TYR C 47 5.88 -0.70 8.30
CA TYR C 47 6.52 0.14 7.29
C TYR C 47 6.05 1.58 7.43
N PHE C 48 7.01 2.52 7.29
CA PHE C 48 6.78 3.88 7.77
C PHE C 48 5.58 4.56 7.12
N THR C 49 5.29 4.27 5.85
CA THR C 49 4.20 4.99 5.19
C THR C 49 2.84 4.68 5.81
N ASN C 50 2.70 3.53 6.48
CA ASN C 50 1.41 3.22 7.06
C ASN C 50 1.02 4.21 8.14
N TYR C 51 2.01 4.81 8.82
CA TYR C 51 1.66 5.79 9.83
C TYR C 51 1.02 7.01 9.18
N LEU C 52 1.44 7.34 7.96
N LEU C 52 1.42 7.33 7.95
CA LEU C 52 0.83 8.44 7.22
CA LEU C 52 0.79 8.45 7.25
C LEU C 52 -0.57 8.06 6.72
C LEU C 52 -0.59 8.06 6.72
N SER C 53 -0.73 6.82 6.24
CA SER C 53 -2.05 6.32 5.84
C SER C 53 -3.06 6.42 6.97
N TRP C 54 -2.62 6.14 8.20
CA TRP C 54 -3.55 6.22 9.31
C TRP C 54 -4.00 7.65 9.55
N GLN C 55 -3.20 8.66 9.16
CA GLN C 55 -3.67 10.03 9.27
C GLN C 55 -4.90 10.24 8.43
N GLY C 56 -4.87 9.77 7.17
CA GLY C 56 -6.04 9.91 6.32
C GLY C 56 -7.23 9.11 6.84
N ALA C 57 -6.98 7.91 7.35
CA ALA C 57 -8.09 7.12 7.86
C ALA C 57 -8.71 7.81 9.05
N CYS C 58 -7.89 8.41 9.90
CA CYS C 58 -8.41 9.07 11.07
C CYS C 58 -9.22 10.31 10.67
N ALA C 59 -8.66 11.13 9.79
CA ALA C 59 -9.33 12.35 9.35
C ALA C 59 -10.61 12.04 8.61
N GLU C 60 -10.62 10.97 7.83
N GLU C 60 -10.61 10.94 7.83
CA GLU C 60 -11.83 10.65 7.09
CA GLU C 60 -11.81 10.50 7.12
C GLU C 60 -12.95 10.21 8.03
C GLU C 60 -12.93 10.19 8.09
N ARG C 61 -12.61 9.45 9.06
N ARG C 61 -12.64 9.36 9.10
CA ARG C 61 -13.60 9.09 10.07
CA ARG C 61 -13.63 9.09 10.13
C ARG C 61 -14.13 10.34 10.77
C ARG C 61 -14.15 10.38 10.73
N PHE C 62 -13.26 11.32 11.06
CA PHE C 62 -13.72 12.58 11.62
C PHE C 62 -14.72 13.25 10.68
N LEU C 63 -14.42 13.27 9.38
CA LEU C 63 -15.30 13.90 8.41
C LEU C 63 -16.67 13.22 8.38
N ALA C 64 -16.68 11.89 8.30
CA ALA C 64 -17.94 11.20 8.28
C ALA C 64 -18.77 11.55 9.51
N GLU C 65 -18.14 11.60 10.69
CA GLU C 65 -18.88 11.72 11.93
C GLU C 65 -19.26 13.15 12.27
N LYS C 66 -18.57 14.15 11.72
CA LYS C 66 -18.72 15.52 12.16
C LYS C 66 -18.93 16.55 11.05
N ALA C 67 -18.82 16.17 9.77
CA ALA C 67 -18.97 17.13 8.66
C ALA C 67 -19.79 16.52 7.54
N PRO C 68 -21.03 16.12 7.82
CA PRO C 68 -21.84 15.50 6.76
C PRO C 68 -22.10 16.40 5.56
N LYS C 69 -22.23 17.71 5.75
CA LYS C 69 -22.47 18.59 4.60
C LYS C 69 -21.22 18.67 3.73
N THR C 70 -20.05 18.70 4.34
CA THR C 70 -18.80 18.70 3.58
C THR C 70 -18.66 17.41 2.80
N VAL C 71 -18.96 16.28 3.43
CA VAL C 71 -18.92 15.00 2.73
C VAL C 71 -19.86 15.02 1.52
N ALA C 72 -21.06 15.61 1.66
CA ALA C 72 -21.96 15.66 0.52
C ALA C 72 -21.39 16.49 -0.63
N ARG C 73 -20.66 17.57 -0.31
CA ARG C 73 -20.04 18.36 -1.38
C ARG C 73 -18.92 17.61 -2.07
N MET C 74 -18.30 16.64 -1.41
CA MET C 74 -17.26 15.83 -2.03
C MET C 74 -17.83 14.78 -3.00
N HIS C 75 -19.16 14.62 -3.05
CA HIS C 75 -19.81 13.90 -4.13
C HIS C 75 -19.99 14.76 -5.37
N ASP C 76 -19.86 16.08 -5.26
CA ASP C 76 -20.02 16.97 -6.39
C ASP C 76 -18.64 17.40 -6.90
N ASP C 77 -18.09 18.47 -6.32
CA ASP C 77 -16.84 19.03 -6.81
C ASP C 77 -15.78 19.30 -5.74
N LEU C 78 -16.09 19.16 -4.44
CA LEU C 78 -15.15 19.55 -3.40
C LEU C 78 -14.12 18.45 -3.15
N ALA C 79 -12.84 18.82 -3.10
CA ALA C 79 -11.75 17.89 -2.83
C ALA C 79 -10.85 18.46 -1.74
N LEU C 80 -10.66 17.69 -0.67
CA LEU C 80 -9.67 18.04 0.34
C LEU C 80 -8.38 17.32 -0.01
N VAL C 81 -7.30 18.07 -0.16
CA VAL C 81 -6.05 17.50 -0.65
C VAL C 81 -4.93 17.85 0.32
N THR C 82 -4.03 16.90 0.50
CA THR C 82 -2.87 17.10 1.34
C THR C 82 -1.89 18.07 0.69
N SER C 83 -1.48 19.11 1.43
CA SER C 83 -0.44 19.99 0.92
C SER C 83 0.92 19.72 1.56
N SER C 84 0.96 19.16 2.77
CA SER C 84 2.21 18.68 3.35
C SER C 84 1.90 17.65 4.44
N CYS C 85 2.89 16.84 4.75
CA CYS C 85 2.75 15.93 5.87
C CYS C 85 4.11 15.59 6.43
N SER C 86 4.12 15.05 7.64
CA SER C 86 5.38 14.68 8.29
C SER C 86 5.08 13.64 9.37
N CYS C 87 6.12 12.90 9.75
CA CYS C 87 6.00 11.95 10.83
C CYS C 87 7.37 11.68 11.43
N GLU C 88 7.41 11.56 12.74
CA GLU C 88 8.62 11.19 13.47
C GLU C 88 8.34 9.86 14.17
N PHE C 89 9.31 8.95 14.13
CA PHE C 89 9.11 7.56 14.58
C PHE C 89 10.01 7.27 15.78
N PHE C 90 9.42 7.09 16.97
CA PHE C 90 10.15 6.96 18.21
C PHE C 90 10.40 5.54 18.64
N SER C 91 9.43 4.65 18.41
CA SER C 91 9.52 3.26 18.83
C SER C 91 8.78 2.45 17.79
N GLU C 92 9.18 1.20 17.63
CA GLU C 92 8.57 0.34 16.61
C GLU C 92 7.21 -0.18 17.04
N LEU C 93 6.37 -0.38 16.04
CA LEU C 93 5.13 -1.12 16.16
C LEU C 93 5.28 -2.45 15.40
N TYR C 94 4.59 -3.48 15.88
CA TYR C 94 4.67 -4.82 15.32
C TYR C 94 3.29 -5.35 14.95
N ALA C 95 3.24 -6.39 14.14
CA ALA C 95 1.97 -7.05 13.85
C ALA C 95 1.26 -7.45 15.13
N LEU C 96 -0.05 -7.21 15.18
CA LEU C 96 -0.92 -7.52 16.31
C LEU C 96 -0.76 -6.55 17.49
N ASP C 97 0.10 -5.53 17.38
CA ASP C 97 -0.05 -4.35 18.20
C ASP C 97 -1.37 -3.68 17.87
N THR C 98 -1.93 -2.97 18.83
CA THR C 98 -3.00 -2.01 18.56
C THR C 98 -2.46 -0.59 18.73
N VAL C 99 -2.67 0.25 17.72
CA VAL C 99 -2.26 1.63 17.75
C VAL C 99 -3.49 2.52 17.91
N SER C 100 -3.37 3.52 18.78
CA SER C 100 -4.35 4.58 18.95
C SER C 100 -3.75 5.84 18.33
N VAL C 101 -4.42 6.34 17.29
CA VAL C 101 -3.99 7.52 16.57
C VAL C 101 -4.88 8.65 17.03
N ARG C 102 -4.28 9.72 17.59
CA ARG C 102 -5.03 10.79 18.21
C ARG C 102 -4.79 12.08 17.46
N MET C 103 -5.85 12.63 16.88
CA MET C 103 -5.78 13.78 15.98
C MET C 103 -6.26 15.01 16.71
N SER C 104 -5.48 16.10 16.64
CA SER C 104 -5.90 17.36 17.22
C SER C 104 -5.61 18.47 16.23
N LEU C 105 -6.18 19.64 16.49
CA LEU C 105 -6.02 20.77 15.61
C LEU C 105 -4.78 21.53 16.02
N VAL C 106 -3.81 21.67 15.10
CA VAL C 106 -2.65 22.51 15.32
C VAL C 106 -2.94 23.96 14.94
N GLY C 107 -3.63 24.16 13.81
CA GLY C 107 -3.94 25.51 13.37
C GLY C 107 -4.88 25.48 12.20
N ILE C 108 -5.55 26.60 11.99
CA ILE C 108 -6.51 26.74 10.91
C ILE C 108 -6.50 28.18 10.47
N ASP C 109 -6.60 28.40 9.16
CA ASP C 109 -6.82 29.74 8.64
C ASP C 109 -7.90 29.63 7.56
N PHE C 110 -8.02 30.65 6.72
CA PHE C 110 -9.14 30.66 5.79
C PHE C 110 -9.02 29.61 4.69
N HIS C 111 -7.81 29.13 4.40
N HIS C 111 -7.79 29.14 4.40
CA HIS C 111 -7.59 28.24 3.28
CA HIS C 111 -7.55 28.26 3.25
C HIS C 111 -7.18 26.83 3.68
C HIS C 111 -6.98 26.90 3.60
N GLN C 112 -6.53 26.66 4.82
CA GLN C 112 -5.93 25.36 5.11
C GLN C 112 -6.05 25.01 6.59
N ILE C 113 -5.89 23.72 6.83
CA ILE C 113 -6.04 23.11 8.15
C ILE C 113 -4.79 22.27 8.41
N THR C 114 -4.20 22.44 9.58
CA THR C 114 -3.05 21.62 10.01
C THR C 114 -3.50 20.79 11.19
N MET C 115 -3.44 19.47 11.05
N MET C 115 -3.44 19.47 11.04
CA MET C 115 -3.81 18.54 12.11
CA MET C 115 -3.77 18.51 12.07
C MET C 115 -2.55 17.87 12.66
C MET C 115 -2.49 17.96 12.67
N GLY C 116 -2.50 17.72 13.98
CA GLY C 116 -1.43 17.00 14.63
C GLY C 116 -1.89 15.61 15.00
N PHE C 117 -0.97 14.64 15.00
CA PHE C 117 -1.27 13.23 15.27
C PHE C 117 -0.27 12.73 16.29
N GLU C 118 -0.76 12.07 17.34
CA GLU C 118 0.09 11.29 18.24
C GLU C 118 -0.33 9.84 18.12
N TYR C 119 0.65 8.95 18.12
CA TYR C 119 0.43 7.53 17.90
C TYR C 119 0.83 6.81 19.18
N TYR C 120 -0.11 6.07 19.76
CA TYR C 120 0.14 5.36 21.00
C TYR C 120 0.00 3.85 20.79
N ARG C 121 0.94 3.10 21.33
CA ARG C 121 0.72 1.67 21.49
C ARG C 121 -0.22 1.47 22.66
N VAL C 122 -1.35 0.80 22.41
CA VAL C 122 -2.31 0.50 23.48
C VAL C 122 -2.52 -0.99 23.65
N THR C 123 -1.61 -1.78 23.08
CA THR C 123 -1.73 -3.24 23.08
C THR C 123 -1.94 -3.82 24.48
N ASP C 124 -1.20 -3.33 25.47
CA ASP C 124 -1.30 -3.81 26.84
C ASP C 124 -0.66 -2.74 27.71
N GLY C 125 -1.24 -2.51 28.87
CA GLY C 125 -0.69 -1.53 29.78
C GLY C 125 -1.07 -0.11 29.39
N PRO C 126 -0.56 0.85 30.16
CA PRO C 126 -0.78 2.26 29.83
C PRO C 126 -0.27 2.58 28.44
N ALA C 127 -0.93 3.55 27.80
CA ALA C 127 -0.56 3.92 26.44
C ALA C 127 0.86 4.51 26.43
N ARG C 128 1.60 4.17 25.39
CA ARG C 128 2.97 4.63 25.20
C ARG C 128 3.09 5.31 23.85
N LEU C 129 3.65 6.50 23.85
CA LEU C 129 3.81 7.22 22.60
C LEU C 129 4.90 6.57 21.75
N VAL C 130 4.57 6.22 20.50
CA VAL C 130 5.52 5.61 19.58
C VAL C 130 5.86 6.48 18.39
N ALA C 131 5.06 7.51 18.09
CA ALA C 131 5.35 8.38 16.95
C ALA C 131 4.50 9.63 17.06
N ARG C 132 4.89 10.66 16.31
N ARG C 132 4.83 10.64 16.24
CA ARG C 132 4.12 11.89 16.19
CA ARG C 132 4.10 11.90 16.22
C ARG C 132 4.15 12.29 14.72
C ARG C 132 4.25 12.54 14.86
N GLY C 133 3.14 13.03 14.30
CA GLY C 133 3.13 13.55 12.95
C GLY C 133 2.15 14.71 12.77
N GLU C 134 2.06 15.16 11.52
CA GLU C 134 1.27 16.33 11.17
C GLU C 134 0.85 16.19 9.71
N GLN C 135 -0.30 16.79 9.38
CA GLN C 135 -0.70 16.90 7.97
C GLN C 135 -1.45 18.21 7.79
N THR C 136 -1.18 18.89 6.68
CA THR C 136 -1.91 20.10 6.30
C THR C 136 -2.73 19.78 5.05
N VAL C 137 -4.00 20.19 5.07
CA VAL C 137 -4.92 19.93 3.96
C VAL C 137 -5.52 21.24 3.51
N ALA C 138 -5.67 21.36 2.19
CA ALA C 138 -6.29 22.51 1.57
C ALA C 138 -7.62 22.08 0.96
N CYS C 139 -8.58 22.99 1.01
CA CYS C 139 -9.88 22.75 0.40
C CYS C 139 -9.84 23.28 -1.02
N THR C 140 -10.30 22.46 -1.97
CA THR C 140 -10.24 22.83 -3.38
C THR C 140 -11.50 22.36 -4.11
N LEU C 141 -11.72 22.93 -5.28
CA LEU C 141 -12.71 22.44 -6.23
C LEU C 141 -11.98 21.64 -7.31
N ARG C 142 -12.51 20.47 -7.62
CA ARG C 142 -11.94 19.65 -8.70
C ARG C 142 -12.29 20.28 -10.03
N ALA C 143 -11.27 20.63 -10.80
CA ALA C 143 -11.46 21.14 -12.15
C ALA C 143 -10.64 20.29 -13.11
N GLU C 144 -11.05 20.34 -14.39
CA GLU C 144 -10.38 19.55 -15.42
C GLU C 144 -8.88 19.84 -15.44
N ASP C 145 -8.52 21.12 -15.43
CA ASP C 145 -7.11 21.52 -15.49
C ASP C 145 -6.62 21.94 -14.11
N GLY C 146 -6.60 20.97 -13.20
CA GLY C 146 -6.02 21.16 -11.87
C GLY C 146 -7.00 21.38 -10.74
N LEU C 147 -6.58 22.10 -9.70
CA LEU C 147 -7.38 22.27 -8.50
C LEU C 147 -7.52 23.75 -8.16
N THR C 148 -8.72 24.13 -7.72
CA THR C 148 -9.03 25.52 -7.41
C THR C 148 -9.16 25.70 -5.89
N PRO C 149 -8.26 26.42 -5.24
CA PRO C 149 -8.39 26.62 -3.79
C PRO C 149 -9.69 27.36 -3.46
N VAL C 150 -10.35 26.92 -2.39
CA VAL C 150 -11.52 27.61 -1.84
C VAL C 150 -11.35 27.70 -0.34
N GLU C 151 -12.22 28.46 0.31
CA GLU C 151 -12.09 28.61 1.75
C GLU C 151 -12.58 27.37 2.49
N VAL C 152 -12.05 27.20 3.69
CA VAL C 152 -12.48 26.11 4.57
C VAL C 152 -13.99 26.23 4.76
N PRO C 153 -14.77 25.17 4.48
CA PRO C 153 -16.22 25.28 4.68
C PRO C 153 -16.55 25.55 6.14
N ASP C 154 -17.60 26.37 6.35
CA ASP C 154 -17.96 26.77 7.70
C ASP C 154 -18.22 25.56 8.60
N GLU C 155 -18.87 24.52 8.07
CA GLU C 155 -19.17 23.34 8.87
C GLU C 155 -17.89 22.68 9.35
N LEU C 156 -16.87 22.64 8.51
CA LEU C 156 -15.62 22.01 8.90
C LEU C 156 -14.92 22.83 9.96
N ARG C 157 -14.87 24.14 9.77
CA ARG C 157 -14.26 25.01 10.76
C ARG C 157 -14.92 24.84 12.11
N THR C 158 -16.26 24.84 12.13
CA THR C 158 -16.96 24.70 13.39
C THR C 158 -16.67 23.36 14.04
N ALA C 159 -16.66 22.29 13.26
CA ALA C 159 -16.41 20.98 13.87
C ALA C 159 -14.98 20.89 14.41
N LEU C 160 -14.02 21.54 13.74
CA LEU C 160 -12.62 21.43 14.13
C LEU C 160 -12.25 22.28 15.33
N ASP C 161 -12.99 23.36 15.61
CA ASP C 161 -12.62 24.24 16.71
C ASP C 161 -12.71 23.53 18.06
N ALA C 162 -13.44 22.42 18.14
CA ALA C 162 -13.53 21.66 19.38
C ALA C 162 -12.22 20.96 19.73
N TYR C 163 -11.36 20.68 18.74
CA TYR C 163 -10.13 19.91 18.94
C TYR C 163 -8.89 20.77 19.03
N ALA C 164 -9.05 22.07 19.38
CA ALA C 164 -7.98 23.04 19.44
C ALA C 164 -7.34 23.03 20.82
N PRO C 165 -6.14 23.64 20.96
CA PRO C 165 -5.50 23.76 22.28
C PRO C 165 -6.06 24.93 23.09
N MET D 25 -25.99 -25.60 8.53
CA MET D 25 -25.51 -24.34 9.10
C MET D 25 -23.98 -24.24 9.05
N ARG D 26 -23.49 -23.03 8.79
CA ARG D 26 -22.07 -22.73 8.87
C ARG D 26 -21.94 -21.34 9.45
N ALA D 27 -21.15 -21.21 10.52
CA ALA D 27 -20.92 -19.90 11.11
C ALA D 27 -19.91 -19.11 10.28
N TYR D 28 -19.93 -17.81 10.45
CA TYR D 28 -18.89 -16.97 9.85
C TYR D 28 -18.29 -16.04 10.89
N PHE D 29 -17.03 -15.67 10.63
CA PHE D 29 -16.28 -14.72 11.44
C PHE D 29 -16.30 -13.39 10.71
N GLU D 30 -16.69 -12.31 11.39
CA GLU D 30 -16.92 -11.05 10.70
C GLU D 30 -15.80 -10.07 10.98
N TYR D 31 -15.37 -9.40 9.91
CA TYR D 31 -14.43 -8.28 9.91
C TYR D 31 -15.15 -7.13 9.21
N ARG D 32 -15.17 -5.97 9.84
CA ARG D 32 -15.82 -4.80 9.28
C ARG D 32 -14.76 -3.75 9.00
N HIS D 33 -14.97 -2.98 7.95
CA HIS D 33 -13.99 -1.95 7.56
C HIS D 33 -14.71 -0.75 6.97
N LEU D 34 -14.38 0.45 7.47
CA LEU D 34 -14.83 1.68 6.82
C LEU D 34 -13.89 1.95 5.66
N VAL D 35 -14.44 2.05 4.44
CA VAL D 35 -13.62 2.24 3.26
C VAL D 35 -13.03 3.63 3.29
N THR D 36 -11.71 3.72 3.16
CA THR D 36 -10.93 4.96 3.23
C THR D 36 -10.69 5.55 1.85
N PHE D 37 -10.22 6.80 1.82
CA PHE D 37 -9.86 7.35 0.51
C PHE D 37 -8.70 6.58 -0.10
N ALA D 38 -7.77 6.13 0.74
CA ALA D 38 -6.65 5.34 0.24
C ALA D 38 -7.11 4.07 -0.49
N ASP D 39 -8.25 3.51 -0.07
CA ASP D 39 -8.79 2.30 -0.66
C ASP D 39 -9.27 2.52 -2.10
N THR D 40 -9.54 3.76 -2.48
CA THR D 40 -10.18 4.05 -3.74
C THR D 40 -9.11 4.27 -4.80
N ASN D 41 -9.56 4.25 -6.05
CA ASN D 41 -8.74 4.67 -7.18
C ASN D 41 -9.48 5.78 -7.94
N LEU D 42 -8.87 6.23 -9.03
CA LEU D 42 -9.39 7.33 -9.82
C LEU D 42 -10.83 7.10 -10.29
N VAL D 43 -11.21 5.85 -10.55
CA VAL D 43 -12.58 5.53 -10.97
C VAL D 43 -13.57 5.87 -9.86
N GLY D 44 -13.12 5.94 -8.61
CA GLY D 44 -13.99 6.24 -7.50
C GLY D 44 -14.41 5.03 -6.70
N ASN D 45 -14.14 3.82 -7.18
CA ASN D 45 -14.45 2.61 -6.46
C ASN D 45 -13.17 2.12 -5.78
N VAL D 46 -13.34 1.08 -4.99
CA VAL D 46 -12.25 0.46 -4.23
C VAL D 46 -11.37 -0.34 -5.19
N TYR D 47 -10.08 -0.04 -5.21
CA TYR D 47 -9.14 -0.78 -6.05
C TYR D 47 -9.15 -2.25 -5.63
N PHE D 48 -9.10 -3.15 -6.62
CA PHE D 48 -9.51 -4.53 -6.39
C PHE D 48 -8.64 -5.24 -5.38
N THR D 49 -7.34 -4.91 -5.28
CA THR D 49 -6.49 -5.66 -4.37
C THR D 49 -6.87 -5.45 -2.92
N ASN D 50 -7.59 -4.35 -2.59
CA ASN D 50 -7.95 -4.13 -1.19
C ASN D 50 -8.89 -5.21 -0.69
N TYR D 51 -9.74 -5.74 -1.58
CA TYR D 51 -10.60 -6.84 -1.15
C TYR D 51 -9.77 -8.03 -0.70
N LEU D 52 -8.64 -8.25 -1.36
CA LEU D 52 -7.77 -9.32 -0.92
C LEU D 52 -7.06 -8.96 0.38
N SER D 53 -6.60 -7.71 0.53
CA SER D 53 -6.00 -7.29 1.80
C SER D 53 -6.97 -7.54 2.96
N TRP D 54 -8.25 -7.31 2.73
CA TRP D 54 -9.23 -7.52 3.80
C TRP D 54 -9.31 -9.00 4.21
N GLN D 55 -8.98 -9.93 3.31
CA GLN D 55 -8.93 -11.36 3.68
C GLN D 55 -7.86 -11.59 4.73
N GLY D 56 -6.69 -10.98 4.54
CA GLY D 56 -5.63 -11.10 5.54
C GLY D 56 -6.00 -10.43 6.84
N ALA D 57 -6.56 -9.21 6.77
CA ALA D 57 -6.91 -8.53 8.01
C ALA D 57 -7.94 -9.34 8.78
N CYS D 58 -8.92 -9.92 8.08
CA CYS D 58 -9.98 -10.68 8.71
C CYS D 58 -9.42 -11.94 9.36
N ALA D 59 -8.54 -12.64 8.64
CA ALA D 59 -7.95 -13.88 9.14
C ALA D 59 -7.02 -13.59 10.31
N GLU D 60 -6.27 -12.51 10.22
N GLU D 60 -6.29 -12.47 10.26
CA GLU D 60 -5.34 -12.19 11.29
CA GLU D 60 -5.46 -12.07 11.40
C GLU D 60 -6.08 -11.81 12.56
C GLU D 60 -6.32 -11.87 12.65
N ARG D 61 -7.28 -11.20 12.44
N ARG D 61 -7.41 -11.11 12.52
CA ARG D 61 -8.08 -10.92 13.64
CA ARG D 61 -8.24 -10.88 13.69
C ARG D 61 -8.66 -12.21 14.21
C ARG D 61 -8.76 -12.20 14.23
N PHE D 62 -9.04 -13.16 13.34
CA PHE D 62 -9.52 -14.45 13.80
C PHE D 62 -8.45 -15.16 14.61
N LEU D 63 -7.21 -15.13 14.13
CA LEU D 63 -6.10 -15.76 14.85
C LEU D 63 -5.92 -15.14 16.22
N ALA D 64 -5.87 -13.81 16.27
CA ALA D 64 -5.66 -13.13 17.54
C ALA D 64 -6.75 -13.50 18.52
N GLU D 65 -7.98 -13.59 18.06
CA GLU D 65 -9.08 -13.85 18.98
C GLU D 65 -9.22 -15.33 19.33
N LYS D 66 -8.86 -16.23 18.41
CA LYS D 66 -9.24 -17.63 18.52
C LYS D 66 -8.09 -18.61 18.60
N ALA D 67 -6.86 -18.23 18.26
CA ALA D 67 -5.75 -19.18 18.18
C ALA D 67 -4.48 -18.59 18.78
N PRO D 68 -4.48 -18.29 20.08
CA PRO D 68 -3.30 -17.65 20.69
C PRO D 68 -2.02 -18.48 20.68
N LYS D 69 -2.09 -19.80 20.92
CA LYS D 69 -0.88 -20.60 20.91
C LYS D 69 -0.23 -20.59 19.54
N THR D 70 -1.05 -20.60 18.50
CA THR D 70 -0.58 -20.50 17.13
C THR D 70 0.12 -19.16 16.91
N VAL D 71 -0.50 -18.08 17.38
CA VAL D 71 0.12 -16.76 17.26
C VAL D 71 1.48 -16.76 17.93
N ALA D 72 1.55 -17.33 19.14
CA ALA D 72 2.81 -17.37 19.86
C ALA D 72 3.85 -18.17 19.09
N ARG D 73 3.44 -19.28 18.46
CA ARG D 73 4.38 -20.02 17.64
C ARG D 73 4.84 -19.17 16.46
N MET D 74 3.99 -18.26 16.00
CA MET D 74 4.34 -17.42 14.87
C MET D 74 5.37 -16.37 15.25
N HIS D 75 5.63 -16.18 16.55
CA HIS D 75 6.79 -15.39 16.97
C HIS D 75 8.10 -16.10 16.67
N ASP D 76 8.06 -17.42 16.44
CA ASP D 76 9.26 -18.21 16.23
C ASP D 76 9.37 -18.65 14.79
N ASP D 77 9.14 -19.94 14.51
CA ASP D 77 9.40 -20.49 13.18
C ASP D 77 8.13 -20.80 12.40
N LEU D 78 6.96 -20.54 12.93
CA LEU D 78 5.71 -20.86 12.25
C LEU D 78 5.32 -19.70 11.35
N ALA D 79 5.14 -19.98 10.06
CA ALA D 79 4.77 -18.98 9.06
C ALA D 79 3.57 -19.49 8.27
N LEU D 80 2.48 -18.74 8.33
CA LEU D 80 1.32 -19.05 7.50
C LEU D 80 1.38 -18.22 6.20
N VAL D 81 1.49 -18.89 5.06
CA VAL D 81 1.73 -18.22 3.79
C VAL D 81 0.63 -18.58 2.79
N THR D 82 0.22 -17.57 2.04
CA THR D 82 -0.78 -17.75 1.00
C THR D 82 -0.25 -18.67 -0.09
N SER D 83 -1.00 -19.73 -0.41
CA SER D 83 -0.69 -20.53 -1.59
C SER D 83 -1.57 -20.22 -2.79
N SER D 84 -2.78 -19.69 -2.58
CA SER D 84 -3.63 -19.25 -3.69
C SER D 84 -4.71 -18.31 -3.14
N CYS D 85 -5.20 -17.42 -4.00
CA CYS D 85 -6.32 -16.58 -3.61
C CYS D 85 -7.11 -16.22 -4.85
N SER D 86 -8.34 -15.76 -4.64
CA SER D 86 -9.20 -15.36 -5.74
C SER D 86 -10.28 -14.43 -5.20
N CYS D 87 -10.84 -13.64 -6.11
CA CYS D 87 -11.95 -12.78 -5.70
C CYS D 87 -12.74 -12.45 -6.94
N GLU D 88 -14.05 -12.32 -6.79
N GLU D 88 -14.04 -12.30 -6.75
CA GLU D 88 -14.89 -11.84 -7.88
CA GLU D 88 -14.99 -11.89 -7.78
C GLU D 88 -15.73 -10.69 -7.35
C GLU D 88 -15.65 -10.62 -7.28
N PHE D 89 -15.90 -9.67 -8.20
CA PHE D 89 -16.40 -8.36 -7.84
C PHE D 89 -17.73 -8.11 -8.52
N PHE D 90 -18.80 -7.97 -7.73
CA PHE D 90 -20.15 -7.88 -8.30
C PHE D 90 -20.67 -6.45 -8.40
N SER D 91 -20.39 -5.62 -7.39
CA SER D 91 -20.89 -4.26 -7.33
C SER D 91 -19.82 -3.43 -6.63
N GLU D 92 -19.85 -2.15 -6.92
CA GLU D 92 -18.81 -1.25 -6.47
C GLU D 92 -18.97 -0.89 -4.99
N LEU D 93 -17.82 -0.62 -4.36
CA LEU D 93 -17.75 0.02 -3.06
C LEU D 93 -17.09 1.36 -3.25
N TYR D 94 -17.49 2.32 -2.43
CA TYR D 94 -16.99 3.69 -2.51
C TYR D 94 -16.48 4.11 -1.15
N ALA D 95 -15.70 5.19 -1.13
CA ALA D 95 -15.22 5.72 0.13
C ALA D 95 -16.38 6.01 1.07
N LEU D 96 -16.18 5.70 2.35
CA LEU D 96 -17.11 5.93 3.46
C LEU D 96 -18.26 4.91 3.44
N ASP D 97 -18.30 3.97 2.49
CA ASP D 97 -19.05 2.74 2.70
C ASP D 97 -18.43 1.94 3.85
N THR D 98 -19.26 1.11 4.47
CA THR D 98 -18.78 0.08 5.38
C THR D 98 -19.00 -1.28 4.75
N VAL D 99 -17.95 -2.09 4.73
CA VAL D 99 -18.01 -3.45 4.22
C VAL D 99 -17.93 -4.42 5.39
N SER D 100 -18.79 -5.44 5.33
CA SER D 100 -18.78 -6.59 6.24
C SER D 100 -18.17 -7.76 5.47
N VAL D 101 -17.02 -8.25 5.95
CA VAL D 101 -16.29 -9.37 5.34
C VAL D 101 -16.55 -10.59 6.22
N ARG D 102 -17.19 -11.61 5.65
CA ARG D 102 -17.68 -12.78 6.38
C ARG D 102 -16.86 -13.97 5.92
N MET D 103 -16.07 -14.51 6.85
CA MET D 103 -15.13 -15.59 6.59
C MET D 103 -15.66 -16.92 7.14
N SER D 104 -15.64 -17.97 6.32
CA SER D 104 -16.01 -19.30 6.74
C SER D 104 -14.94 -20.30 6.32
N LEU D 105 -14.95 -21.46 6.92
CA LEU D 105 -13.99 -22.49 6.54
C LEU D 105 -14.57 -23.26 5.36
N VAL D 106 -13.86 -23.25 4.23
CA VAL D 106 -14.25 -24.05 3.07
C VAL D 106 -13.71 -25.47 3.17
N GLY D 107 -12.46 -25.61 3.57
CA GLY D 107 -11.93 -26.94 3.78
C GLY D 107 -10.57 -26.87 4.45
N ILE D 108 -10.17 -28.00 4.97
CA ILE D 108 -8.88 -28.11 5.61
C ILE D 108 -8.28 -29.43 5.19
N ASP D 109 -7.03 -29.44 4.77
CA ASP D 109 -6.35 -30.71 4.58
C ASP D 109 -5.18 -30.72 5.55
N PHE D 110 -4.18 -31.57 5.33
CA PHE D 110 -3.24 -31.81 6.39
C PHE D 110 -2.41 -30.56 6.70
N HIS D 111 -1.94 -29.86 5.66
N HIS D 111 -1.96 -29.85 5.67
CA HIS D 111 -1.03 -28.73 5.83
CA HIS D 111 -1.06 -28.71 5.85
C HIS D 111 -1.66 -27.38 5.53
C HIS D 111 -1.61 -27.43 5.24
N GLN D 112 -2.78 -27.34 4.81
N GLN D 112 -2.86 -27.40 4.81
CA GLN D 112 -3.32 -26.09 4.32
CA GLN D 112 -3.41 -26.20 4.21
C GLN D 112 -4.78 -25.94 4.75
C GLN D 112 -4.83 -25.96 4.68
N ILE D 113 -5.22 -24.69 4.65
CA ILE D 113 -6.54 -24.23 5.08
C ILE D 113 -7.08 -23.38 3.95
N THR D 114 -8.33 -23.64 3.57
CA THR D 114 -9.02 -22.80 2.59
C THR D 114 -10.18 -22.08 3.26
N MET D 115 -10.15 -20.74 3.18
N MET D 115 -10.12 -20.74 3.22
CA MET D 115 -11.19 -19.91 3.78
CA MET D 115 -11.17 -19.88 3.73
C MET D 115 -11.99 -19.21 2.67
C MET D 115 -12.02 -19.38 2.58
N GLY D 116 -13.31 -19.18 2.84
CA GLY D 116 -14.20 -18.48 1.92
C GLY D 116 -14.60 -17.13 2.52
N PHE D 117 -14.79 -16.14 1.64
CA PHE D 117 -15.15 -14.78 2.05
C PHE D 117 -16.33 -14.32 1.24
N GLU D 118 -17.34 -13.79 1.92
CA GLU D 118 -18.40 -13.00 1.29
C GLU D 118 -18.30 -11.56 1.80
N TYR D 119 -18.50 -10.61 0.90
CA TYR D 119 -18.36 -9.19 1.21
C TYR D 119 -19.70 -8.53 0.97
N TYR D 120 -20.18 -7.79 1.98
CA TYR D 120 -21.45 -7.09 1.99
C TYR D 120 -21.26 -5.63 2.28
N ARG D 121 -21.90 -4.77 1.50
CA ARG D 121 -22.03 -3.36 1.86
C ARG D 121 -23.09 -3.26 2.94
N VAL D 122 -22.73 -2.70 4.09
CA VAL D 122 -23.71 -2.59 5.18
C VAL D 122 -23.98 -1.16 5.56
N THR D 123 -23.68 -0.24 4.65
CA THR D 123 -23.84 1.18 4.92
CA PRO D 126 -29.93 -4.32 4.69
C PRO D 126 -28.59 -4.58 3.97
N ALA D 127 -27.88 -5.62 4.39
CA ALA D 127 -26.61 -5.93 3.76
C ALA D 127 -26.79 -6.30 2.29
N ARG D 128 -25.90 -5.80 1.44
CA ARG D 128 -25.95 -6.04 0.00
C ARG D 128 -24.66 -6.70 -0.44
N LEU D 129 -24.78 -7.84 -1.09
CA LEU D 129 -23.58 -8.57 -1.51
C LEU D 129 -22.84 -7.77 -2.58
N VAL D 130 -21.52 -7.59 -2.41
CA VAL D 130 -20.70 -6.90 -3.40
C VAL D 130 -19.56 -7.75 -3.95
N ALA D 131 -19.11 -8.79 -3.25
CA ALA D 131 -18.00 -9.58 -3.77
C ALA D 131 -17.95 -10.89 -3.02
N ARG D 132 -17.15 -11.82 -3.55
CA ARG D 132 -16.98 -13.13 -2.97
C ARG D 132 -15.60 -13.65 -3.36
N GLY D 133 -14.88 -14.23 -2.41
CA GLY D 133 -13.56 -14.74 -2.72
C GLY D 133 -13.11 -15.89 -1.85
N GLU D 134 -11.85 -16.29 -2.00
CA GLU D 134 -11.31 -17.49 -1.37
C GLU D 134 -9.81 -17.28 -1.19
N GLN D 135 -9.26 -17.88 -0.13
CA GLN D 135 -7.81 -17.92 0.03
C GLN D 135 -7.40 -19.23 0.67
N THR D 136 -6.31 -19.81 0.17
CA THR D 136 -5.73 -21.02 0.77
C THR D 136 -4.37 -20.65 1.36
N VAL D 137 -4.16 -21.07 2.60
CA VAL D 137 -2.95 -20.75 3.35
C VAL D 137 -2.29 -22.07 3.72
N ALA D 138 -0.97 -22.14 3.53
CA ALA D 138 -0.14 -23.26 3.93
C ALA D 138 0.50 -22.93 5.27
N CYS D 139 0.45 -23.90 6.18
CA CYS D 139 1.18 -23.82 7.44
C CYS D 139 2.58 -24.33 7.18
N THR D 140 3.59 -23.56 7.60
CA THR D 140 4.96 -23.91 7.28
C THR D 140 5.87 -23.55 8.45
N LEU D 141 7.02 -24.20 8.48
CA LEU D 141 8.12 -23.80 9.34
C LEU D 141 9.24 -23.30 8.45
N ARG D 142 9.98 -22.28 8.89
CA ARG D 142 11.08 -21.80 8.08
C ARG D 142 12.28 -22.64 8.47
N ALA D 143 12.66 -23.56 7.59
CA ALA D 143 13.70 -24.53 7.82
C ALA D 143 14.93 -24.17 6.98
N GLU D 144 16.00 -24.94 7.19
CA GLU D 144 17.30 -24.59 6.61
C GLU D 144 17.19 -24.39 5.10
N ASP D 145 16.39 -25.21 4.42
CA ASP D 145 16.34 -25.17 2.97
C ASP D 145 14.99 -24.67 2.45
N GLY D 146 14.35 -23.77 3.21
CA GLY D 146 13.20 -23.01 2.77
C GLY D 146 11.99 -23.28 3.65
N LEU D 147 10.89 -22.64 3.28
CA LEU D 147 9.64 -22.89 3.99
C LEU D 147 9.25 -24.34 3.78
N THR D 148 8.88 -25.03 4.86
CA THR D 148 8.51 -26.43 4.75
C THR D 148 7.11 -26.65 5.33
N PRO D 149 6.18 -27.19 4.55
CA PRO D 149 4.80 -27.38 5.06
C PRO D 149 4.76 -28.26 6.29
N VAL D 150 3.85 -27.92 7.21
CA VAL D 150 3.70 -28.64 8.47
C VAL D 150 2.21 -28.81 8.74
N GLU D 151 1.89 -29.83 9.53
CA GLU D 151 0.51 -30.10 9.91
C GLU D 151 -0.12 -28.86 10.52
N VAL D 152 -1.38 -28.60 10.15
CA VAL D 152 -2.13 -27.54 10.81
C VAL D 152 -2.07 -27.74 12.31
N PRO D 153 -1.62 -26.77 13.10
CA PRO D 153 -1.60 -26.95 14.55
C PRO D 153 -2.97 -27.32 15.09
N ASP D 154 -2.98 -28.17 16.12
CA ASP D 154 -4.24 -28.66 16.66
C ASP D 154 -5.13 -27.52 17.12
N GLU D 155 -4.55 -26.50 17.76
CA GLU D 155 -5.35 -25.38 18.27
C GLU D 155 -6.05 -24.67 17.14
N LEU D 156 -5.36 -24.52 16.01
CA LEU D 156 -5.95 -23.79 14.90
C LEU D 156 -6.99 -24.66 14.19
N ARG D 157 -6.73 -25.95 14.07
CA ARG D 157 -7.72 -26.84 13.47
C ARG D 157 -9.04 -26.77 14.26
N THR D 158 -8.94 -26.86 15.57
CA THR D 158 -10.14 -26.85 16.41
C THR D 158 -10.87 -25.52 16.32
N ALA D 159 -10.14 -24.40 16.33
CA ALA D 159 -10.78 -23.08 16.23
C ALA D 159 -11.48 -22.90 14.89
N LEU D 160 -10.86 -23.35 13.79
CA LEU D 160 -11.44 -23.18 12.47
C LEU D 160 -12.68 -24.04 12.33
N ASP D 161 -12.71 -25.17 13.03
CA ASP D 161 -13.81 -26.11 12.88
C ASP D 161 -15.13 -25.50 13.34
N ALA D 162 -15.07 -24.52 14.24
CA ALA D 162 -16.27 -23.84 14.67
C ALA D 162 -16.94 -23.09 13.52
N TYR D 163 -16.21 -22.85 12.42
CA TYR D 163 -16.72 -22.09 11.28
C TYR D 163 -16.86 -22.95 10.03
N ALA D 164 -16.92 -24.28 10.23
CA ALA D 164 -17.13 -25.28 9.21
C ALA D 164 -18.59 -25.70 9.18
N PRO D 165 -19.05 -26.29 8.07
CA PRO D 165 -20.43 -26.79 8.01
C PRO D 165 -20.76 -27.75 9.15
N ASP D 166 -22.03 -27.71 9.58
CA ASP D 166 -22.58 -28.61 10.59
C ASP D 166 -23.48 -29.67 9.96
K K E . -2.65 -0.46 -11.26
C2 DCC F . 3.58 -25.29 -11.77
C4 DCC F . 4.16 -25.59 -9.67
C5 DCC F . 5.43 -25.11 -9.89
C6 DCC F . 5.74 -24.70 -11.20
C8 DCC F . 5.30 -25.52 -7.82
C10 DCC F . -4.88 -17.68 9.30
C11 DCC F . -5.48 -19.03 8.96
C12 DCC F . -6.87 -19.17 9.47
N9 DCC F . 4.06 -25.83 -8.33
N7 DCC F . 6.15 -25.08 -8.71
N3 DCC F . 3.18 -25.72 -10.58
N1 DCC F . 4.77 -24.80 -12.13
N6 DCC F . 6.92 -24.18 -11.56
C1' DCC F . 2.85 -26.15 -7.58
C2' DCC F . 2.69 -27.64 -7.28
O2' DCC F . 1.32 -27.91 -7.03
C3' DCC F . 3.46 -27.72 -5.96
O3' DCC F . 3.06 -28.90 -5.26
C4' DCC F . 2.96 -26.47 -5.25
O4' DCC F . 2.92 -25.49 -6.32
C5' DCC F . 3.83 -25.97 -4.13
O5' DCC F . 5.20 -26.26 -4.46
P1 DCC F . 6.25 -27.09 -3.58
O11 DCC F . 5.97 -28.54 -3.58
O12 DCC F . 7.69 -26.65 -3.94
O6 DCC F . 5.92 -26.43 -2.18
P2 DCC F . 5.32 -27.13 -0.88
O21 DCC F . 4.03 -27.84 -1.15
O22 DCC F . 6.47 -27.89 -0.19
O7 DCC F . 5.20 -25.77 -0.04
CPA DCC F . 4.08 -24.92 -0.25
CPB DCC F . 4.51 -23.46 -0.08
CP8 DCC F . 5.23 -22.99 -1.36
CP7 DCC F . 5.44 -23.33 1.12
CP9 DCC F . 3.23 -22.63 0.15
OP3 DCC F . 4.40 -23.19 -2.49
CP6 DCC F . 5.63 -21.52 -1.30
OP2 DCC F . 6.61 -21.17 -0.65
NP2 DCC F . 4.85 -20.66 -1.95
CP5 DCC F . 5.08 -19.22 -1.86
CP4 DCC F . 4.26 -18.61 -0.73
CP3 DCC F . 4.23 -17.10 -0.78
OP1 DCC F . 5.25 -16.44 -1.00
NP1 DCC F . 3.06 -16.54 -0.52
CP2 DCC F . 2.87 -15.09 -0.45
CP1 DCC F . 3.54 -14.42 0.74
S DCC F . 2.79 -15.04 2.29
P3 DCC F . 3.76 -30.29 -5.62
O31 DCC F . 3.29 -31.40 -4.73
O32 DCC F . 3.45 -30.49 -7.11
O33 DCC F . 5.25 -29.99 -5.49
CA1 DCC F . 1.64 -13.77 2.68
CA2 DCC F . 0.94 -13.99 4.00
OA1 DCC F . 1.47 -12.81 1.99
CA3 DCC F . -0.15 -12.98 4.31
CA4 DCC F . -1.03 -13.39 5.47
CA5 DCC F . -2.13 -14.39 5.09
CA6 DCC F . -3.15 -14.65 6.19
CA7 DCC F . -2.59 -15.34 7.43
CA8 DCC F . -3.13 -16.74 7.69
CA9 DCC F . -4.58 -16.78 8.13
H2 DCC F . 2.93 -25.34 -12.50
H8 DCC F . 5.53 -25.62 -6.87
H101 DCC F . -5.49 -17.22 9.90
H102 DCC F . -4.04 -17.84 9.78
H111 DCC F . -4.93 -19.74 9.32
H112 DCC F . -5.48 -19.15 7.98
H121 DCC F . -6.90 -19.06 10.44
H122 DCC F . -7.46 -18.49 9.07
H123 DCC F . -7.25 -20.04 9.25
HN61 DCC F . 7.62 -24.71 -11.60
HN62 DCC F . 6.98 -23.31 -11.74
H1' DCC F . 2.11 -25.78 -8.07
H2' DCC F . 3.05 -28.24 -7.97
H1 DCC F . 0.90 -27.17 -7.05
H3' DCC F . 4.43 -27.76 -6.06
H4' DCC F . 2.04 -26.55 -4.94
H5'1 DCC F . 3.64 -26.43 -3.28
H5'2 DCC F . 3.77 -25.00 -4.01
H12 DCC F . 8.01 -25.87 -3.99
H22 DCC F . 6.96 -27.57 0.42
HPA1 DCC F . 3.37 -25.11 0.41
HPA2 DCC F . 3.73 -25.03 -1.15
HP8 DCC F . 6.00 -23.58 -1.53
HP71 DCC F . 5.56 -22.38 1.36
HP72 DCC F . 5.08 -23.80 1.90
HP73 DCC F . 6.32 -23.70 0.91
HP91 DCC F . 2.63 -22.68 -0.62
HP92 DCC F . 2.73 -22.95 0.93
HP93 DCC F . 3.44 -21.69 0.29
HP3 DCC F . 3.59 -23.01 -2.28
HP2 DCC F . 4.17 -20.95 -2.44
HP51 DCC F . 4.84 -18.79 -2.70
HP52 DCC F . 6.03 -19.04 -1.69
HP41 DCC F . 4.63 -18.87 0.13
HP42 DCC F . 3.33 -18.93 -0.77
HP1 DCC F . 2.35 -17.03 -0.38
HP21 DCC F . 1.91 -14.91 -0.41
HP22 DCC F . 3.22 -14.69 -1.28
HP11 DCC F . 3.44 -13.46 0.72
HP12 DCC F . 4.51 -14.64 0.78
H32 DCC F . 3.79 -30.08 -7.78
H33 DCC F . 5.63 -29.33 -5.11
HA21 DCC F . 1.63 -13.95 4.70
HA22 DCC F . 0.57 -14.88 3.98
HA31 DCC F . -0.71 -12.86 3.51
HA32 DCC F . 0.25 -12.11 4.50
HA41 DCC F . -1.44 -12.59 5.86
HA42 DCC F . -0.47 -13.79 6.17
HA51 DCC F . -1.72 -15.24 4.83
HA52 DCC F . -2.61 -14.05 4.31
HA61 DCC F . -3.87 -15.22 5.83
HA62 DCC F . -3.56 -13.80 6.45
HA71 DCC F . -2.78 -14.77 8.22
HA72 DCC F . -1.62 -15.38 7.35
HA81 DCC F . -2.58 -17.16 8.39
HA82 DCC F . -3.03 -17.27 6.88
HA91 DCC F . -5.12 -17.07 7.36
HA92 DCC F . -4.86 -15.87 8.35
K K G . 10.50 0.52 -0.02
C10 DCC H . -10.20 16.11 6.68
C11 DCC H . -9.63 17.39 7.25
C12 DCC H . -10.16 17.68 8.65
O5' DCC H . -2.88 29.77 -6.26
P1 DCC H . -2.70 28.20 -6.53
O11 DCC H . -4.00 27.50 -6.47
O12 DCC H . -2.00 28.01 -7.88
O6 DCC H . -1.70 27.70 -5.40
P2 DCC H . -1.89 26.97 -3.99
O21 DCC H . -0.64 27.00 -3.20
O22 DCC H . -3.01 27.69 -3.27
O7 DCC H . -2.37 25.46 -4.33
CPA DCC H . -2.63 24.55 -3.25
CPB DCC H . -2.77 23.12 -3.75
CP8 DCC H . -1.62 22.75 -4.72
CP7 DCC H . -4.10 22.99 -4.51
CP9 DCC H . -2.76 22.18 -2.55
OP3 DCC H . -0.36 23.05 -4.13
CP6 DCC H . -1.68 21.30 -5.18
OP2 DCC H . -2.45 20.96 -6.07
NP2 DCC H . -0.83 20.45 -4.59
CP5 DCC H . -0.90 19.02 -4.84
CP4 DCC H . -1.86 18.32 -3.88
CP3 DCC H . -1.80 16.81 -4.00
OP1 DCC H . -1.67 16.28 -5.09
NP1 DCC H . -1.86 16.15 -2.86
CP2 DCC H . -1.84 14.69 -2.74
CP1 DCC H . -3.09 14.01 -3.29
S DCC H . -4.53 14.49 -2.27
CA1 DCC H . -4.70 13.12 -1.17
CA2 DCC H . -5.88 13.25 -0.25
OA1 DCC H . -3.95 12.19 -1.18
CA3 DCC H . -6.06 12.08 0.72
CA4 DCC H . -6.99 12.37 1.88
CA5 DCC H . -6.39 13.27 2.95
CA6 DCC H . -7.34 13.66 4.09
CA7 DCC H . -8.62 14.34 3.62
CA8 DCC H . -9.04 15.54 4.46
CA9 DCC H . -9.20 15.23 5.94
H101 DCC H . -10.60 15.59 7.41
H102 DCC H . -10.93 16.34 6.06
H111 DCC H . -9.86 18.14 6.66
H112 DCC H . -8.66 17.33 7.28
H121 DCC H . -11.13 17.59 8.68
H122 DCC H . -9.76 17.07 9.31
H123 DCC H . -9.94 18.60 8.92
H12 DCC H . -1.17 28.03 -8.04
H22 DCC H . -3.70 27.31 -2.93
HPA1 DCC H . -3.46 24.81 -2.79
HPA2 DCC H . -1.89 24.58 -2.60
HP8 DCC H . -1.62 23.38 -5.47
HP71 DCC H . -4.29 22.06 -4.72
HP72 DCC H . -4.84 23.34 -3.98
HP73 DCC H . -4.07 23.49 -5.35
HP91 DCC H . -1.90 22.22 -2.08
HP92 DCC H . -3.45 22.42 -1.90
HP93 DCC H . -2.90 21.26 -2.81
HP3 DCC H . -0.40 22.97 -3.28
HP2 DCC H . -0.23 20.74 -4.03
HP51 DCC H . -0.01 18.62 -4.74
HP52 DCC H . -1.20 18.85 -5.76
HP41 DCC H . -2.78 18.62 -4.06
HP42 DCC H . -1.64 18.57 -2.96
HP1 DCC H . -1.91 16.60 -2.10
HP21 DCC H . -1.74 14.46 -1.79
HP22 DCC H . -1.06 14.35 -3.23
HP11 DCC H . -3.02 13.04 -3.25
HP12 DCC H . -3.27 14.28 -4.22
HA21 DCC H . -6.68 13.34 -0.81
HA22 DCC H . -5.77 14.08 0.26
HA31 DCC H . -5.18 11.83 1.07
HA32 DCC H . -6.40 11.30 0.21
HA41 DCC H . -7.26 11.52 2.30
HA42 DCC H . -7.81 12.78 1.53
HA51 DCC H . -6.07 14.09 2.52
HA52 DCC H . -5.61 12.82 3.34
HA61 DCC H . -6.88 14.25 4.70
HA62 DCC H . -7.58 12.85 4.59
HA71 DCC H . -9.35 13.67 3.63
HA72 DCC H . -8.51 14.63 2.70
HA81 DCC H . -9.89 15.89 4.13
HA82 DCC H . -8.37 16.25 4.36
HA91 DCC H . -8.33 15.32 6.37
HA92 DCC H . -9.47 14.30 6.03
K K I . -7.30 7.51 3.54
C2 DCC J . 9.08 12.87 22.43
C4 DCC J . 10.61 11.37 21.89
C5 DCC J . 9.97 10.39 22.64
C6 DCC J . 8.80 10.75 23.31
C8 DCC J . 11.69 9.48 21.78
C10 DCC J . 18.99 3.56 2.44
C11 DCC J . 19.71 4.81 2.93
C12 DCC J . 20.77 5.26 1.98
N9 DCC J . 11.72 10.78 21.35
N7 DCC J . 10.68 9.19 22.56
N3 DCC J . 10.20 12.65 21.75
N1 DCC J . 8.37 12.03 23.19
N6 DCC J . 8.06 9.91 24.04
C1' DCC J . 12.73 11.43 20.51
C2' DCC J . 13.89 12.01 21.31
O2' DCC J . 14.42 13.17 20.67
C3' DCC J . 14.87 10.83 21.25
O3' DCC J . 16.21 11.31 21.47
C4' DCC J . 14.69 10.37 19.81
O4' DCC J . 13.27 10.47 19.61
C5' DCC J . 15.15 8.97 19.52
O5' DCC J . 14.49 8.08 20.45
P1 DCC J . 15.22 7.08 21.43
O11 DCC J . 16.25 7.74 22.27
O12 DCC J . 14.10 6.34 22.19
O6 DCC J . 15.87 6.02 20.44
P2 DCC J . 17.33 5.64 19.93
O21 DCC J . 18.19 6.81 19.63
O22 DCC J . 17.87 4.56 20.85
O7 DCC J . 16.95 4.89 18.55
CPA DCC J . 16.48 5.62 17.40
CPB DCC J . 15.48 4.76 16.63
CP8 DCC J . 14.18 4.62 17.46
CP7 DCC J . 16.10 3.39 16.43
CP9 DCC J . 15.20 5.41 15.26
OP3 DCC J . 13.69 5.93 17.72
CP6 DCC J . 13.16 3.75 16.75
OP2 DCC J . 13.23 2.53 16.81
NP2 DCC J . 12.22 4.39 16.06
CP5 DCC J . 11.18 3.69 15.32
CP4 DCC J . 11.62 3.41 13.89
CP3 DCC J . 10.51 2.87 13.02
OP1 DCC J . 9.77 1.99 13.43
NP1 DCC J . 10.45 3.37 11.78
CP2 DCC J . 9.52 2.89 10.76
CP1 DCC J . 9.71 1.44 10.34
S DCC J . 11.30 1.27 9.46
P3 DCC J . 16.89 11.54 22.93
O31 DCC J . 18.06 12.47 22.83
O32 DCC J . 15.76 12.11 23.82
O33 DCC J . 17.25 10.15 23.46
CA1 DCC J . 10.83 1.32 7.76
CA2 DCC J . 11.99 1.10 6.82
OA1 DCC J . 9.69 1.49 7.39
CA3 DCC J . 11.60 1.25 5.36
CA4 DCC J . 12.79 1.41 4.42
CA5 DCC J . 13.31 2.85 4.31
CA6 DCC J . 14.56 3.02 3.43
CA7 DCC J . 15.72 2.09 3.82
CA8 DCC J . 17.07 2.80 3.94
CA9 DCC J . 17.49 3.54 2.71
H2 DCC J . 8.72 13.78 22.38
H8 DCC J . 12.38 8.83 21.53
H101 DCC J . 19.14 3.47 1.48
H102 DCC J . 19.39 2.79 2.87
H111 DCC J . 20.12 4.63 3.80
H112 DCC J . 19.07 5.54 3.05
H121 DCC J . 21.25 4.49 1.60
H122 DCC J . 20.38 5.76 1.24
H123 DCC J . 21.43 5.83 2.43
HN61 DCC J . 8.06 9.98 24.92
HN62 DCC J . 7.59 9.29 23.62
H1' DCC J . 12.26 12.10 19.96
H2' DCC J . 13.67 12.23 22.25
H1 DCC J . 14.13 13.18 19.88
H3' DCC J . 14.72 10.14 21.91
H4' DCC J . 15.09 11.00 19.16
H5'1 DCC J . 16.11 8.85 19.64
H5'2 DCC J . 14.89 8.68 18.62
H12 DCC J . 13.25 6.41 22.10
H22 DCC J . 18.23 3.83 20.61
HPA1 DCC J . 17.22 5.86 16.81
HPA2 DCC J . 16.02 6.44 17.70
HP8 DCC J . 14.37 4.29 18.36
HP71 DCC J . 15.58 2.86 15.78
HP72 DCC J . 17.01 3.46 16.10
HP73 DCC J . 16.12 2.89 17.27
HP91 DCC J . 14.59 6.18 15.35
HP92 DCC J . 16.01 5.74 14.84
HP93 DCC J . 14.78 4.77 14.65
HP3 DCC J . 13.75 6.42 17.03
HP2 DCC J . 12.21 5.28 16.03
HP51 DCC J . 10.36 4.22 15.30
HP52 DCC J . 10.97 2.84 15.76
HP41 DCC J . 12.35 2.75 13.89
HP42 DCC J . 11.95 4.23 13.47
HP1 DCC J . 11.00 4.03 11.54
HP21 DCC J . 9.62 3.47 9.98
HP22 DCC J . 8.61 3.01 11.11
HP11 DCC J . 9.00 1.15 9.74
HP12 DCC J . 9.73 0.84 11.11
H32 DCC J . 15.02 11.75 24.03
H33 DCC J . 16.86 9.41 23.30
HA21 DCC J . 12.34 0.21 6.99
HA22 DCC J . 12.68 1.76 7.04
HA31 DCC J . 11.01 2.02 5.26
HA32 DCC J . 11.09 0.45 5.09
HA41 DCC J . 12.53 1.09 3.52
HA42 DCC J . 13.52 0.83 4.72
HA51 DCC J . 13.52 3.18 5.21
HA52 DCC J . 12.60 3.42 3.95
HA61 DCC J . 14.86 3.95 3.48
HA62 DCC J . 14.31 2.84 2.50
HA71 DCC J . 15.80 1.39 3.14
HA72 DCC J . 15.51 1.66 4.67
HA81 DCC J . 17.76 2.12 4.15
HA82 DCC J . 17.04 3.42 4.69
HA91 DCC J . 17.17 4.46 2.78
HA92 DCC J . 17.05 3.14 1.93
K K K . -2.83 -8.79 6.63
C10 DCC L . -6.14 -3.40 -19.14
C11 DCC L . -6.22 -4.49 -20.22
C12 DCC L . -5.05 -4.48 -21.18
O5' DCC L . -23.27 -7.73 -12.40
P1 DCC L . -23.70 -6.58 -13.44
O11 DCC L . -25.10 -6.64 -13.90
O12 DCC L . -23.35 -5.27 -12.76
O6 DCC L . -22.73 -6.76 -14.68
P2 DCC L . -22.31 -5.70 -15.80
O21 DCC L . -21.97 -6.36 -17.08
O22 DCC L . -23.44 -4.65 -15.87
O7 DCC L . -21.07 -4.95 -15.14
CPA DCC L . -19.91 -5.70 -14.76
CPB DCC L . -19.15 -4.96 -13.66
CP8 DCC L . -19.95 -4.98 -12.33
CP7 DCC L . -18.92 -3.51 -14.10
CP9 DCC L . -17.78 -5.65 -13.48
OP3 DCC L . -20.22 -6.31 -11.85
CP6 DCC L . -19.24 -4.20 -11.23
OP2 DCC L . -19.30 -2.97 -11.20
NP2 DCC L . -18.56 -4.92 -10.33
CP5 DCC L . -17.61 -4.32 -9.41
CP4 DCC L . -16.31 -3.99 -10.13
CP3 DCC L . -15.27 -3.46 -9.18
OP1 DCC L . -15.57 -2.71 -8.26
NP1 DCC L . -14.02 -3.85 -9.43
CP2 DCC L . -12.87 -3.43 -8.63
CP1 DCC L . -12.50 -1.98 -8.90
S DCC L . -11.91 -1.81 -10.60
CA1 DCC L . -10.18 -1.80 -10.37
CA2 DCC L . -9.40 -1.73 -11.67
OA1 DCC L . -9.68 -1.87 -9.29
CA3 DCC L . -7.90 -1.48 -11.51
CA4 DCC L . -7.10 -1.56 -12.83
CA5 DCC L . -7.16 -2.92 -13.54
CA6 DCC L . -6.05 -3.16 -14.56
CA7 DCC L . -6.09 -2.28 -15.82
CA8 DCC L . -7.12 -2.70 -16.87
CA9 DCC L . -6.71 -3.84 -17.79
H101 DCC L . -5.21 -3.14 -19.02
H102 DCC L . -6.63 -2.62 -19.44
H111 DCC L . -7.04 -4.36 -20.74
H112 DCC L . -6.29 -5.37 -19.80
H121 DCC L . -5.34 -4.55 -22.11
H122 DCC L . -4.53 -3.65 -21.09
H123 DCC L . -4.44 -5.23 -20.99
H12 DCC L . -22.89 -5.14 -12.06
H22 DCC L . -24.22 -4.79 -16.16
HPA1 DCC L . -19.30 -5.81 -15.52
HPA2 DCC L . -20.16 -6.58 -14.42
HP8 DCC L . -20.86 -4.68 -12.54
HP71 DCC L . -18.39 -3.03 -13.44
HP72 DCC L . -18.47 -3.48 -14.96
HP73 DCC L . -19.78 -3.05 -14.19
HP91 DCC L . -17.89 -6.58 -13.18
HP92 DCC L . -17.27 -5.66 -14.30
HP93 DCC L . -17.24 -5.20 -12.80
HP3 DCC L . -19.54 -6.81 -11.97
HP2 DCC L . -18.68 -5.79 -10.27
HP51 DCC L . -17.42 -4.93 -8.67
HP52 DCC L . -17.98 -3.49 -9.04
HP41 DCC L . -16.48 -3.31 -10.82
HP42 DCC L . -15.96 -4.79 -10.56
HP1 DCC L . -13.84 -4.39 -10.11
HP21 DCC L . -12.11 -4.00 -8.84
HP22 DCC L . -13.09 -3.55 -7.68
HP11 DCC L . -11.79 -1.68 -8.30
HP12 DCC L . -13.28 -1.38 -8.79
HA21 DCC L . -9.80 -1.01 -12.20
HA22 DCC L . -9.55 -2.58 -12.14
HA31 DCC L . -7.54 -2.14 -10.89
HA32 DCC L . -7.77 -0.59 -11.12
HA41 DCC L . -6.16 -1.35 -12.63
HA42 DCC L . -7.42 -0.86 -13.44
HA51 DCC L . -8.02 -2.99 -13.99
HA52 DCC L . -7.12 -3.62 -12.86
HA61 DCC L . -6.08 -4.10 -14.84
HA62 DCC L . -5.19 -3.02 -14.12
HA71 DCC L . -5.21 -2.29 -16.23
HA72 DCC L . -6.28 -1.36 -15.54
HA81 DCC L . -7.33 -1.91 -17.42
HA82 DCC L . -7.95 -2.95 -16.41
HA91 DCC L . -7.49 -4.42 -17.94
HA92 DCC L . -6.04 -4.39 -17.33
#